data_6HXF
#
_entry.id   6HXF
#
_cell.length_a   94.840
_cell.length_b   101.670
_cell.length_c   198.000
_cell.angle_alpha   90.000
_cell.angle_beta   90.000
_cell.angle_gamma   90.000
#
_symmetry.space_group_name_H-M   'P 21 21 21'
#
loop_
_entity.id
_entity.type
_entity.pdbx_description
1 polymer 'Serine/threonine-protein kinase 10'
2 non-polymer 3-(2-methoxyphenyl)-4-[[4-(phenylcarbonyl)phenyl]amino]pyrrole-2,5-dione
3 non-polymer 1,2-ETHANEDIOL
4 non-polymer 'CHLORIDE ION'
5 water water
#
_entity_poly.entity_id   1
_entity_poly.type   'polypeptide(L)'
_entity_poly.pdbx_seq_one_letter_code
;SMRKSREYEHVRRDLDPNEVWEIVGELGDGAFGKVYKAKNKETGALAAAKVIETKSEEELEDYIVEIEILATCDHPYIVK
LLGAYYHDGKLWIMIEFCPGGAVDAIMLELDRGLTEPQIQVVCRQMLEALNFLHSKRIIHRDLKAGNVLMTLEGDIRLAD
FGVSAKNLK(TPO)LQKRD(SEP)FIGTPYWMAPEVVMCE(TPO)MKDTPYDYKADIWSLGITLIEMAQIEPPHHELNPM
RVLLKIAKSDPPTLLTPSKWSVEFRDFLKIALDKNPETRPSAAQLLEHPFVSSITSNKALRELVAEAKAEVMEE
;
_entity_poly.pdbx_strand_id   B,A,C,D
#
loop_
_chem_comp.id
_chem_comp.type
_chem_comp.name
_chem_comp.formula
CL non-polymer 'CHLORIDE ION' 'Cl -1'
EDO non-polymer 1,2-ETHANEDIOL 'C2 H6 O2'
R70 non-polymer 3-(2-methoxyphenyl)-4-[[4-(phenylcarbonyl)phenyl]amino]pyrrole-2,5-dione 'C24 H18 N2 O4'
#
# COMPACT_ATOMS: atom_id res chain seq x y z
N GLU A 9 26.36 -23.02 36.94
CA GLU A 9 27.71 -22.46 37.07
C GLU A 9 27.70 -20.94 37.28
N HIS A 10 26.84 -20.23 36.54
CA HIS A 10 26.75 -18.77 36.62
C HIS A 10 25.56 -18.29 37.46
N VAL A 11 24.76 -19.20 38.01
CA VAL A 11 23.59 -18.82 38.79
C VAL A 11 23.90 -19.00 40.27
N ARG A 12 23.62 -17.96 41.05
CA ARG A 12 23.89 -17.95 42.49
C ARG A 12 22.57 -17.96 43.24
N ARG A 13 22.38 -18.97 44.09
CA ARG A 13 21.16 -19.11 44.88
C ARG A 13 21.32 -18.61 46.31
N ASP A 14 22.55 -18.40 46.79
CA ASP A 14 22.78 -17.96 48.17
C ASP A 14 22.27 -16.54 48.41
N LEU A 15 22.54 -15.61 47.49
CA LEU A 15 22.30 -14.18 47.69
C LEU A 15 21.00 -13.75 47.04
N ASP A 16 20.31 -12.81 47.68
CA ASP A 16 19.10 -12.22 47.12
C ASP A 16 19.47 -10.97 46.31
N PRO A 17 19.12 -10.91 45.01
CA PRO A 17 19.54 -9.75 44.21
C PRO A 17 18.90 -8.44 44.65
N ASN A 18 17.76 -8.47 45.34
CA ASN A 18 17.14 -7.22 45.79
C ASN A 18 18.02 -6.49 46.80
N GLU A 19 18.87 -7.22 47.52
CA GLU A 19 19.86 -6.56 48.36
C GLU A 19 21.03 -6.03 47.55
N VAL A 20 21.28 -6.60 46.37
CA VAL A 20 22.38 -6.19 45.52
C VAL A 20 21.95 -5.13 44.50
N TRP A 21 20.77 -5.28 43.92
CA TRP A 21 20.33 -4.43 42.83
C TRP A 21 19.09 -3.65 43.23
N GLU A 22 19.06 -2.37 42.82
CA GLU A 22 17.91 -1.49 42.99
C GLU A 22 17.21 -1.34 41.65
N ILE A 23 15.93 -1.71 41.59
CA ILE A 23 15.15 -1.56 40.36
C ILE A 23 14.89 -0.08 40.17
N VAL A 24 15.31 0.47 39.04
CA VAL A 24 15.25 1.91 38.97
C VAL A 24 14.33 2.34 37.83
N GLY A 25 13.76 1.38 37.10
CA GLY A 25 12.85 1.60 35.99
C GLY A 25 12.55 0.29 35.31
N GLU A 26 11.51 0.34 34.49
CA GLU A 26 10.98 -0.82 33.77
C GLU A 26 11.26 -0.62 32.26
N LEU A 27 11.99 -1.58 31.67
CA LEU A 27 12.41 -1.48 30.26
C LEU A 27 11.47 -2.15 29.26
N GLY A 28 10.74 -3.17 29.67
CA GLY A 28 9.74 -3.75 28.80
C GLY A 28 9.03 -4.88 29.52
N ASP A 29 7.81 -5.15 29.08
CA ASP A 29 7.03 -6.24 29.65
C ASP A 29 6.38 -7.06 28.54
N GLY A 30 6.08 -8.31 28.88
CA GLY A 30 5.38 -9.21 28.00
C GLY A 30 5.10 -10.51 28.73
N ALA A 31 4.70 -11.52 27.95
CA ALA A 31 4.46 -12.84 28.54
C ALA A 31 5.73 -13.44 29.14
N PHE A 32 6.90 -12.99 28.71
CA PHE A 32 8.20 -13.46 29.16
C PHE A 32 8.58 -12.93 30.54
N GLY A 33 7.65 -12.34 31.27
CA GLY A 33 8.01 -11.62 32.46
C GLY A 33 8.32 -10.16 32.15
N LYS A 34 9.31 -9.59 32.81
CA LYS A 34 9.61 -8.19 32.64
C LYS A 34 11.12 -7.99 32.50
N VAL A 35 11.50 -6.87 31.89
CA VAL A 35 12.89 -6.43 31.84
C VAL A 35 12.98 -5.10 32.57
N TYR A 36 13.85 -5.02 33.58
CA TYR A 36 13.99 -3.83 34.41
C TYR A 36 15.32 -3.15 34.14
N LYS A 37 15.36 -1.86 34.42
CA LYS A 37 16.61 -1.14 34.56
C LYS A 37 17.00 -1.20 36.03
N ALA A 38 18.22 -1.62 36.31
CA ALA A 38 18.65 -1.81 37.69
C ALA A 38 19.99 -1.14 37.91
N LYS A 39 20.15 -0.58 39.12
CA LYS A 39 21.39 0.04 39.57
C LYS A 39 21.88 -0.73 40.79
N ASN A 40 23.12 -1.21 40.72
CA ASN A 40 23.71 -1.94 41.82
C ASN A 40 23.98 -1.00 42.99
N LYS A 41 23.57 -1.40 44.20
CA LYS A 41 23.68 -0.51 45.34
C LYS A 41 25.13 -0.22 45.72
N GLU A 42 26.07 -1.12 45.41
CA GLU A 42 27.47 -0.91 45.79
C GLU A 42 28.21 -0.10 44.76
N THR A 43 28.29 -0.62 43.53
CA THR A 43 28.94 0.06 42.41
C THR A 43 28.15 1.22 41.82
N GLY A 44 26.85 1.09 41.65
CA GLY A 44 26.12 2.11 40.89
C GLY A 44 26.04 1.82 39.39
N ALA A 45 26.75 0.79 38.93
CA ALA A 45 26.65 0.38 37.54
C ALA A 45 25.23 -0.02 37.22
N LEU A 46 24.84 0.20 35.98
CA LEU A 46 23.50 -0.07 35.52
C LEU A 46 23.45 -1.42 34.83
N ALA A 47 22.26 -2.02 34.83
CA ALA A 47 22.09 -3.33 34.21
C ALA A 47 20.65 -3.45 33.76
N ALA A 48 20.44 -4.23 32.70
CA ALA A 48 19.12 -4.72 32.36
C ALA A 48 18.89 -5.99 33.14
N ALA A 49 17.72 -6.10 33.77
CA ALA A 49 17.37 -7.22 34.65
C ALA A 49 16.16 -7.93 34.06
N LYS A 50 16.41 -9.08 33.45
CA LYS A 50 15.35 -9.95 32.93
C LYS A 50 14.93 -10.88 34.05
N VAL A 51 13.71 -10.71 34.54
CA VAL A 51 13.22 -11.48 35.68
C VAL A 51 12.08 -12.36 35.18
N ILE A 52 12.23 -13.68 35.35
CA ILE A 52 11.24 -14.64 34.89
C ILE A 52 10.84 -15.46 36.10
N GLU A 53 9.55 -15.48 36.40
CA GLU A 53 9.01 -16.23 37.53
C GLU A 53 8.54 -17.59 37.00
N THR A 54 9.27 -18.64 37.36
CA THR A 54 8.93 -19.98 36.89
C THR A 54 9.57 -20.98 37.82
N LYS A 55 8.86 -22.07 38.11
CA LYS A 55 9.36 -23.14 38.97
C LYS A 55 9.62 -24.44 38.23
N SER A 56 9.10 -24.59 37.01
CA SER A 56 9.28 -25.83 36.25
C SER A 56 10.71 -25.94 35.73
N GLU A 57 11.29 -27.13 35.85
CA GLU A 57 12.68 -27.28 35.44
C GLU A 57 12.83 -27.28 33.93
N GLU A 58 11.79 -27.69 33.21
CA GLU A 58 11.84 -27.63 31.75
C GLU A 58 11.98 -26.20 31.28
N GLU A 59 11.13 -25.31 31.81
CA GLU A 59 11.19 -23.91 31.37
C GLU A 59 12.51 -23.26 31.79
N LEU A 60 13.02 -23.59 32.97
CA LEU A 60 14.28 -23.00 33.45
C LEU A 60 15.46 -23.36 32.57
N GLU A 61 15.41 -24.53 31.91
CA GLU A 61 16.46 -24.89 30.97
C GLU A 61 16.61 -23.84 29.89
N ASP A 62 15.48 -23.37 29.34
CA ASP A 62 15.55 -22.40 28.26
C ASP A 62 16.28 -21.15 28.72
N TYR A 63 16.07 -20.73 29.96
CA TYR A 63 16.67 -19.48 30.33
C TYR A 63 18.09 -19.65 30.80
N ILE A 64 18.44 -20.83 31.29
CA ILE A 64 19.84 -21.03 31.66
C ILE A 64 20.71 -21.11 30.42
N VAL A 65 20.15 -21.60 29.31
CA VAL A 65 20.89 -21.61 28.05
C VAL A 65 21.20 -20.19 27.62
N GLU A 66 20.27 -19.26 27.81
CA GLU A 66 20.53 -17.87 27.49
C GLU A 66 21.71 -17.34 28.30
N ILE A 67 21.75 -17.66 29.60
CA ILE A 67 22.90 -17.29 30.42
C ILE A 67 24.17 -17.91 29.85
N GLU A 68 24.09 -19.19 29.46
CA GLU A 68 25.25 -19.87 28.88
C GLU A 68 25.72 -19.19 27.59
N ILE A 69 24.79 -18.77 26.74
CA ILE A 69 25.17 -18.06 25.52
C ILE A 69 25.93 -16.79 25.87
N LEU A 70 25.34 -15.97 26.75
CA LEU A 70 25.99 -14.71 27.06
C LEU A 70 27.35 -14.93 27.70
N ALA A 71 27.48 -15.97 28.55
CA ALA A 71 28.73 -16.22 29.25
C ALA A 71 29.85 -16.63 28.32
N THR A 72 29.55 -17.30 27.21
CA THR A 72 30.62 -17.69 26.29
CA THR A 72 30.66 -17.67 26.33
C THR A 72 30.98 -16.60 25.31
N CYS A 73 30.12 -15.59 25.10
CA CYS A 73 30.39 -14.55 24.12
C CYS A 73 31.28 -13.47 24.73
N ASP A 74 32.56 -13.47 24.39
CA ASP A 74 33.43 -12.39 24.84
C ASP A 74 33.54 -11.27 23.80
N HIS A 75 32.84 -11.38 22.70
CA HIS A 75 32.90 -10.35 21.68
C HIS A 75 32.21 -9.07 22.15
N PRO A 76 32.78 -7.91 21.88
CA PRO A 76 32.18 -6.67 22.39
C PRO A 76 30.78 -6.34 21.82
N TYR A 77 30.41 -6.83 20.63
CA TYR A 77 29.14 -6.45 20.01
C TYR A 77 27.97 -7.36 20.43
N ILE A 78 28.13 -8.11 21.51
CA ILE A 78 27.10 -8.92 22.15
C ILE A 78 26.92 -8.38 23.56
N VAL A 79 25.67 -8.25 24.02
CA VAL A 79 25.47 -7.82 25.42
C VAL A 79 26.16 -8.78 26.35
N LYS A 80 26.84 -8.25 27.38
CA LYS A 80 27.61 -9.02 28.33
C LYS A 80 26.72 -9.55 29.46
N LEU A 81 27.05 -10.74 29.95
CA LEU A 81 26.41 -11.25 31.14
C LEU A 81 27.08 -10.61 32.35
N LEU A 82 26.30 -9.92 33.18
CA LEU A 82 26.82 -9.28 34.38
C LEU A 82 26.66 -10.16 35.62
N GLY A 83 25.71 -11.08 35.59
CA GLY A 83 25.49 -11.96 36.73
C GLY A 83 24.15 -12.61 36.57
N ALA A 84 23.91 -13.60 37.44
CA ALA A 84 22.66 -14.32 37.41
C ALA A 84 22.31 -14.80 38.81
N TYR A 85 21.03 -14.75 39.14
CA TYR A 85 20.53 -15.21 40.44
C TYR A 85 19.21 -15.96 40.25
N TYR A 86 18.98 -16.94 41.09
CA TYR A 86 17.67 -17.56 41.28
C TYR A 86 17.43 -17.68 42.78
N HIS A 87 16.51 -16.88 43.35
CA HIS A 87 15.84 -17.38 44.54
C HIS A 87 14.42 -16.81 44.48
N ASP A 88 13.64 -17.17 45.49
CA ASP A 88 12.19 -17.04 45.55
C ASP A 88 11.73 -17.77 44.29
N GLY A 89 10.70 -17.29 43.59
CA GLY A 89 10.32 -18.02 42.40
C GLY A 89 10.74 -17.34 41.12
N LYS A 90 11.77 -16.50 41.18
CA LYS A 90 12.19 -15.71 40.04
C LYS A 90 13.66 -15.89 39.72
N LEU A 91 13.96 -16.01 38.43
CA LEU A 91 15.32 -16.04 37.90
C LEU A 91 15.70 -14.66 37.42
N TRP A 92 16.83 -14.13 37.92
CA TRP A 92 17.34 -12.83 37.49
C TRP A 92 18.54 -13.02 36.56
N ILE A 93 18.45 -12.46 35.36
CA ILE A 93 19.57 -12.39 34.42
C ILE A 93 19.99 -10.93 34.35
N MET A 94 21.18 -10.61 34.86
CA MET A 94 21.70 -9.24 34.83
C MET A 94 22.57 -9.07 33.59
N ILE A 95 22.19 -8.11 32.74
CA ILE A 95 22.81 -7.97 31.44
C ILE A 95 23.32 -6.54 31.27
N GLU A 96 24.40 -6.41 30.50
CA GLU A 96 24.95 -5.11 30.14
C GLU A 96 23.82 -4.17 29.69
N PHE A 97 23.79 -2.99 30.28
CA PHE A 97 22.80 -1.99 29.92
C PHE A 97 23.37 -1.05 28.87
N CYS A 98 22.61 -0.79 27.80
CA CYS A 98 23.10 0.07 26.73
C CYS A 98 22.36 1.40 26.77
N PRO A 99 23.01 2.48 27.23
CA PRO A 99 22.28 3.72 27.45
C PRO A 99 21.73 4.33 26.19
N GLY A 100 22.29 4.01 25.03
CA GLY A 100 21.75 4.52 23.78
C GLY A 100 20.41 3.95 23.40
N GLY A 101 20.03 2.79 23.94
CA GLY A 101 18.77 2.18 23.58
C GLY A 101 18.85 1.45 22.25
N ALA A 102 17.71 0.96 21.81
CA ALA A 102 17.61 0.21 20.58
C ALA A 102 17.49 1.12 19.37
N VAL A 103 17.94 0.60 18.21
CA VAL A 103 17.92 1.42 17.02
C VAL A 103 16.49 1.79 16.65
N ASP A 104 15.53 0.88 16.86
CA ASP A 104 14.16 1.22 16.48
C ASP A 104 13.64 2.37 17.34
N ALA A 105 14.00 2.39 18.63
CA ALA A 105 13.57 3.48 19.49
C ALA A 105 14.22 4.80 19.08
N ILE A 106 15.48 4.74 18.63
CA ILE A 106 16.18 5.94 18.19
C ILE A 106 15.51 6.54 16.95
N MET A 107 15.07 5.69 16.02
CA MET A 107 14.39 6.20 14.84
C MET A 107 13.06 6.82 15.21
N LEU A 108 12.37 6.25 16.18
CA LEU A 108 11.12 6.85 16.61
C LEU A 108 11.39 8.20 17.28
N GLU A 109 12.43 8.29 18.10
CA GLU A 109 12.72 9.53 18.81
C GLU A 109 13.12 10.65 17.85
N LEU A 110 13.91 10.33 16.82
CA LEU A 110 14.33 11.32 15.83
C LEU A 110 13.34 11.49 14.70
N ASP A 111 12.32 10.62 14.62
CA ASP A 111 11.34 10.66 13.55
C ASP A 111 12.02 10.55 12.19
N ARG A 112 13.07 9.72 12.10
CA ARG A 112 13.66 9.51 10.79
C ARG A 112 14.41 8.18 10.81
N GLY A 113 14.75 7.71 9.62
CA GLY A 113 15.60 6.55 9.50
C GLY A 113 17.06 6.92 9.64
N LEU A 114 17.92 5.89 9.65
CA LEU A 114 19.36 6.14 9.65
C LEU A 114 19.82 6.56 8.27
N THR A 115 20.89 7.36 8.24
CA THR A 115 21.60 7.64 7.00
C THR A 115 22.36 6.40 6.54
N GLU A 116 22.74 6.39 5.27
CA GLU A 116 23.50 5.24 4.76
C GLU A 116 24.83 5.05 5.49
N PRO A 117 25.64 6.09 5.76
CA PRO A 117 26.84 5.85 6.59
C PRO A 117 26.53 5.26 7.95
N GLN A 118 25.42 5.64 8.57
CA GLN A 118 25.08 5.03 9.84
C GLN A 118 24.72 3.55 9.65
N ILE A 119 23.96 3.23 8.59
CA ILE A 119 23.60 1.83 8.33
C ILE A 119 24.84 0.99 8.07
N GLN A 120 25.83 1.57 7.37
CA GLN A 120 27.08 0.87 7.07
C GLN A 120 27.80 0.47 8.35
N VAL A 121 27.86 1.36 9.34
CA VAL A 121 28.51 0.99 10.60
C VAL A 121 27.73 -0.15 11.27
N VAL A 122 26.40 0.02 11.40
CA VAL A 122 25.59 -1.01 12.02
C VAL A 122 25.74 -2.32 11.27
N CYS A 123 25.69 -2.25 9.94
CA CYS A 123 25.82 -3.47 9.15
C CYS A 123 27.14 -4.15 9.40
N ARG A 124 28.22 -3.38 9.37
CA ARG A 124 29.56 -3.93 9.58
C ARG A 124 29.68 -4.58 10.95
N GLN A 125 29.21 -3.89 12.00
CA GLN A 125 29.35 -4.46 13.33
C GLN A 125 28.42 -5.65 13.50
N MET A 126 27.20 -5.60 12.94
CA MET A 126 26.33 -6.76 12.99
C MET A 126 26.98 -7.96 12.31
N LEU A 127 27.63 -7.75 11.15
CA LEU A 127 28.30 -8.86 10.47
C LEU A 127 29.43 -9.44 11.32
N GLU A 128 30.25 -8.60 11.97
CA GLU A 128 31.30 -9.15 12.82
C GLU A 128 30.72 -9.94 13.99
N ALA A 129 29.63 -9.44 14.58
CA ALA A 129 28.98 -10.16 15.65
C ALA A 129 28.43 -11.50 15.18
N LEU A 130 27.79 -11.51 14.00
CA LEU A 130 27.25 -12.77 13.51
C LEU A 130 28.37 -13.76 13.16
N ASN A 131 29.45 -13.28 12.54
CA ASN A 131 30.56 -14.19 12.27
C ASN A 131 31.09 -14.80 13.57
N PHE A 132 31.20 -14.00 14.63
CA PHE A 132 31.62 -14.56 15.91
C PHE A 132 30.61 -15.59 16.42
N LEU A 133 29.30 -15.27 16.40
CA LEU A 133 28.29 -16.21 16.90
C LEU A 133 28.25 -17.49 16.10
N HIS A 134 28.21 -17.37 14.77
CA HIS A 134 28.05 -18.52 13.91
C HIS A 134 29.25 -19.43 14.00
N SER A 135 30.43 -18.90 14.29
CA SER A 135 31.59 -19.74 14.49
C SER A 135 31.43 -20.64 15.71
N LYS A 136 30.58 -20.23 16.66
CA LYS A 136 30.21 -21.04 17.80
C LYS A 136 28.86 -21.76 17.56
N ARG A 137 28.39 -21.80 16.31
CA ARG A 137 27.06 -22.28 15.94
C ARG A 137 25.98 -21.75 16.89
N ILE A 138 26.12 -20.48 17.29
CA ILE A 138 25.04 -19.78 17.98
C ILE A 138 24.32 -18.97 16.91
N ILE A 139 23.05 -19.29 16.69
CA ILE A 139 22.24 -18.56 15.70
C ILE A 139 21.30 -17.69 16.48
N HIS A 140 21.28 -16.40 16.15
CA HIS A 140 20.47 -15.49 16.93
C HIS A 140 18.99 -15.77 16.73
N ARG A 141 18.56 -15.83 15.46
CA ARG A 141 17.24 -16.20 14.98
C ARG A 141 16.16 -15.15 15.18
N ASP A 142 16.46 -14.01 15.82
CA ASP A 142 15.45 -12.98 16.12
C ASP A 142 16.02 -11.57 15.91
N LEU A 143 16.84 -11.39 14.87
CA LEU A 143 17.41 -10.07 14.61
C LEU A 143 16.31 -9.12 14.13
N LYS A 144 16.43 -7.86 14.55
CA LYS A 144 15.58 -6.74 14.12
C LYS A 144 16.21 -5.49 14.74
N ALA A 145 15.77 -4.32 14.27
CA ALA A 145 16.37 -3.10 14.81
C ALA A 145 16.13 -2.98 16.32
N GLY A 146 15.01 -3.52 16.83
CA GLY A 146 14.75 -3.50 18.27
C GLY A 146 15.73 -4.34 19.08
N ASN A 147 16.48 -5.23 18.44
CA ASN A 147 17.47 -6.04 19.16
C ASN A 147 18.89 -5.60 18.84
N VAL A 148 19.07 -4.44 18.20
CA VAL A 148 20.38 -3.84 18.04
C VAL A 148 20.43 -2.63 19.00
N LEU A 149 21.15 -2.77 20.11
CA LEU A 149 21.29 -1.70 21.08
C LEU A 149 22.51 -0.85 20.77
N MET A 150 22.59 0.34 21.36
CA MET A 150 23.70 1.27 21.14
CA MET A 150 23.73 1.22 21.13
C MET A 150 24.36 1.66 22.44
N THR A 151 25.68 1.73 22.45
CA THR A 151 26.39 2.38 23.54
C THR A 151 26.57 3.87 23.20
N LEU A 152 26.95 4.67 24.20
CA LEU A 152 27.19 6.08 23.91
C LEU A 152 28.46 6.31 23.09
N GLU A 153 29.33 5.31 23.02
CA GLU A 153 30.53 5.38 22.19
C GLU A 153 30.25 5.03 20.73
N GLY A 154 29.02 4.65 20.39
CA GLY A 154 28.69 4.42 19.00
C GLY A 154 28.88 3.03 18.50
N ASP A 155 28.93 2.04 19.39
CA ASP A 155 28.95 0.63 18.98
C ASP A 155 27.62 -0.03 19.28
N ILE A 156 27.35 -1.12 18.56
CA ILE A 156 26.14 -1.87 18.78
C ILE A 156 26.41 -2.93 19.82
N ARG A 157 25.32 -3.47 20.37
CA ARG A 157 25.29 -4.71 21.13
C ARG A 157 24.05 -5.45 20.64
N LEU A 158 24.23 -6.68 20.14
CA LEU A 158 23.09 -7.54 19.84
C LEU A 158 22.47 -7.99 21.14
N ALA A 159 21.14 -7.99 21.20
CA ALA A 159 20.41 -8.33 22.42
C ALA A 159 19.31 -9.35 22.15
N ASP A 160 18.69 -9.79 23.26
CA ASP A 160 17.56 -10.70 23.30
C ASP A 160 17.86 -11.99 22.58
N PHE A 161 18.58 -12.87 23.28
CA PHE A 161 18.87 -14.22 22.84
C PHE A 161 17.83 -15.23 23.32
N GLY A 162 16.59 -14.77 23.58
CA GLY A 162 15.56 -15.69 24.05
C GLY A 162 15.21 -16.75 23.02
N VAL A 163 15.02 -16.33 21.76
CA VAL A 163 14.66 -17.31 20.74
C VAL A 163 15.86 -18.19 20.42
N SER A 164 17.06 -17.59 20.44
CA SER A 164 18.29 -18.33 20.22
C SER A 164 18.46 -19.43 21.28
N ALA A 165 18.13 -19.12 22.53
CA ALA A 165 18.41 -20.05 23.60
C ALA A 165 17.39 -21.18 23.62
N LYS A 166 16.17 -20.91 23.16
CA LYS A 166 15.24 -22.02 23.14
C LYS A 166 15.46 -22.95 21.96
N ASN A 167 16.29 -22.56 20.98
CA ASN A 167 16.56 -23.41 19.84
C ASN A 167 17.98 -23.97 19.84
N LEU A 168 18.80 -23.63 20.83
CA LEU A 168 20.23 -23.91 20.71
C LEU A 168 20.55 -25.40 20.83
N LYS A 169 20.03 -26.06 21.85
CA LYS A 169 20.47 -27.42 22.12
C LYS A 169 19.49 -28.50 21.68
N TPO A 170 18.29 -28.10 21.25
CA TPO A 170 17.27 -29.06 20.90
CB TPO A 170 15.90 -28.60 21.40
CG2 TPO A 170 15.62 -27.22 20.80
OG1 TPO A 170 14.83 -29.50 21.05
P TPO A 170 14.57 -30.62 22.19
O1P TPO A 170 13.91 -29.95 23.33
O2P TPO A 170 13.51 -31.65 21.56
O3P TPO A 170 15.90 -31.41 22.63
C TPO A 170 17.27 -29.30 19.40
O TPO A 170 17.71 -28.45 18.60
N LEU A 171 16.78 -30.46 19.00
CA LEU A 171 16.74 -30.77 17.59
C LEU A 171 15.38 -30.50 17.02
N GLN A 172 14.36 -30.40 17.87
CA GLN A 172 13.02 -30.06 17.42
C GLN A 172 12.94 -28.55 17.28
N LYS A 173 12.78 -28.05 16.06
CA LYS A 173 12.65 -26.62 15.86
C LYS A 173 11.41 -26.10 16.57
N ARG A 174 11.60 -25.12 17.44
CA ARG A 174 10.48 -24.47 18.12
C ARG A 174 9.65 -23.63 17.15
N ASP A 175 8.68 -24.26 16.49
CA ASP A 175 7.75 -23.58 15.58
C ASP A 175 6.71 -22.81 16.38
N SEP A 176 7.12 -21.63 16.85
CA SEP A 176 6.38 -20.89 17.86
CB SEP A 176 6.36 -21.68 19.19
OG SEP A 176 7.42 -21.28 20.06
C SEP A 176 7.01 -19.50 18.00
O SEP A 176 8.19 -19.39 18.31
P SEP A 176 7.31 -21.95 21.53
O1P SEP A 176 5.83 -21.86 22.16
O2P SEP A 176 8.42 -21.27 22.49
O3P SEP A 176 7.58 -23.52 21.28
N PHE A 177 6.22 -18.47 17.76
CA PHE A 177 6.72 -17.11 17.87
C PHE A 177 5.67 -16.19 18.50
N ILE A 178 6.12 -15.03 18.95
CA ILE A 178 5.21 -14.00 19.45
C ILE A 178 5.28 -12.82 18.47
N GLY A 179 4.17 -12.09 18.36
CA GLY A 179 4.20 -10.91 17.50
C GLY A 179 4.22 -11.24 16.02
N THR A 180 4.59 -10.24 15.22
CA THR A 180 4.64 -10.35 13.78
C THR A 180 6.07 -10.56 13.31
N PRO A 181 6.41 -11.69 12.72
CA PRO A 181 7.82 -12.00 12.36
C PRO A 181 8.26 -11.38 11.04
N TYR A 182 8.36 -10.04 11.00
CA TYR A 182 8.75 -9.35 9.76
C TYR A 182 10.11 -9.78 9.27
N TRP A 183 10.98 -10.26 10.18
CA TRP A 183 12.37 -10.54 9.85
C TRP A 183 12.68 -12.02 9.58
N MET A 184 11.66 -12.88 9.50
CA MET A 184 11.87 -14.31 9.44
C MET A 184 12.28 -14.73 8.03
N ALA A 185 13.32 -15.56 7.91
CA ALA A 185 13.75 -16.01 6.60
C ALA A 185 12.66 -16.89 5.95
N PRO A 186 12.59 -16.90 4.62
CA PRO A 186 11.52 -17.66 3.97
C PRO A 186 11.60 -19.16 4.24
N GLU A 187 12.80 -19.76 4.41
CA GLU A 187 12.82 -21.20 4.71
C GLU A 187 12.24 -21.49 6.10
N VAL A 188 12.40 -20.54 7.03
CA VAL A 188 11.82 -20.67 8.36
C VAL A 188 10.31 -20.45 8.32
N VAL A 189 9.85 -19.49 7.52
CA VAL A 189 8.41 -19.32 7.28
C VAL A 189 7.79 -20.62 6.77
N MET A 190 8.49 -21.30 5.84
CA MET A 190 7.99 -22.54 5.26
C MET A 190 8.21 -23.75 6.18
N CYS A 191 8.73 -23.53 7.39
CA CYS A 191 9.05 -24.59 8.35
C CYS A 191 9.88 -25.71 7.71
N GLU A 192 11.01 -25.32 7.17
CA GLU A 192 11.89 -26.32 6.62
C GLU A 192 12.77 -26.79 7.76
N TPO A 193 13.07 -28.07 7.75
CA TPO A 193 13.97 -28.63 8.76
CB TPO A 193 13.79 -30.16 8.79
CG2 TPO A 193 14.60 -30.84 9.90
OG1 TPO A 193 12.40 -30.39 9.05
P TPO A 193 11.72 -31.31 7.91
O1P TPO A 193 10.21 -31.57 8.40
O2P TPO A 193 12.49 -32.55 7.77
O3P TPO A 193 11.76 -30.52 6.49
C TPO A 193 15.43 -28.23 8.46
O TPO A 193 16.18 -28.98 7.88
N MET A 194 15.82 -27.01 8.85
CA MET A 194 17.15 -26.48 8.49
C MET A 194 18.30 -27.11 9.28
N LYS A 195 18.00 -27.67 10.46
CA LYS A 195 19.03 -28.38 11.24
C LYS A 195 19.53 -29.66 10.57
N ASP A 196 18.80 -30.24 9.61
CA ASP A 196 19.34 -31.37 8.85
C ASP A 196 20.04 -30.91 7.58
N THR A 197 20.47 -29.66 7.53
CA THR A 197 21.14 -29.08 6.38
C THR A 197 22.37 -28.33 6.88
N PRO A 198 23.26 -27.89 5.99
CA PRO A 198 24.35 -26.99 6.39
C PRO A 198 23.94 -25.54 6.62
N TYR A 199 22.67 -25.18 6.44
CA TYR A 199 22.33 -23.77 6.27
C TYR A 199 21.41 -23.21 7.35
N ASP A 200 21.29 -23.85 8.52
CA ASP A 200 20.49 -23.28 9.59
C ASP A 200 20.91 -21.83 9.89
N TYR A 201 22.22 -21.58 9.95
CA TYR A 201 22.71 -20.25 10.32
C TYR A 201 22.37 -19.17 9.29
N LYS A 202 22.04 -19.56 8.07
CA LYS A 202 21.76 -18.58 7.03
C LYS A 202 20.52 -17.75 7.34
N ALA A 203 19.63 -18.24 8.20
CA ALA A 203 18.44 -17.44 8.55
C ALA A 203 18.84 -16.05 9.08
N ASP A 204 19.93 -15.96 9.86
CA ASP A 204 20.34 -14.66 10.40
C ASP A 204 20.73 -13.69 9.31
N ILE A 205 21.33 -14.19 8.22
CA ILE A 205 21.75 -13.27 7.17
C ILE A 205 20.54 -12.65 6.52
N TRP A 206 19.48 -13.44 6.28
CA TRP A 206 18.26 -12.87 5.76
C TRP A 206 17.70 -11.81 6.72
N SER A 207 17.64 -12.13 8.02
CA SER A 207 17.10 -11.16 8.96
C SER A 207 17.93 -9.89 8.98
N LEU A 208 19.24 -10.02 8.82
CA LEU A 208 20.10 -8.84 8.75
CA LEU A 208 20.08 -8.84 8.77
C LEU A 208 19.69 -7.93 7.60
N GLY A 209 19.41 -8.52 6.44
CA GLY A 209 19.01 -7.72 5.30
C GLY A 209 17.71 -6.99 5.55
N ILE A 210 16.73 -7.66 6.18
CA ILE A 210 15.47 -6.99 6.50
C ILE A 210 15.71 -5.86 7.50
N THR A 211 16.60 -6.08 8.44
CA THR A 211 16.91 -5.08 9.45
C THR A 211 17.52 -3.84 8.79
N LEU A 212 18.34 -4.02 7.75
CA LEU A 212 18.91 -2.86 7.05
C LEU A 212 17.82 -2.03 6.38
N ILE A 213 16.83 -2.68 5.76
CA ILE A 213 15.73 -1.95 5.13
C ILE A 213 14.90 -1.24 6.19
N GLU A 214 14.64 -1.93 7.30
CA GLU A 214 13.95 -1.32 8.44
C GLU A 214 14.69 -0.06 8.90
N MET A 215 16.02 -0.10 9.00
CA MET A 215 16.74 1.09 9.43
CA MET A 215 16.74 1.09 9.43
C MET A 215 16.72 2.17 8.35
N ALA A 216 16.63 1.75 7.07
CA ALA A 216 16.58 2.71 5.96
C ALA A 216 15.23 3.41 5.88
N GLN A 217 14.15 2.71 6.21
CA GLN A 217 12.79 3.13 5.90
C GLN A 217 11.95 3.23 7.15
N ILE A 218 12.60 3.12 8.32
CA ILE A 218 12.02 3.20 9.67
C ILE A 218 11.22 1.93 9.98
N GLU A 219 10.38 1.47 9.06
CA GLU A 219 9.57 0.27 9.32
C GLU A 219 10.04 -0.89 8.45
N PRO A 220 9.85 -2.13 8.90
CA PRO A 220 10.30 -3.28 8.11
C PRO A 220 9.40 -3.50 6.91
N PRO A 221 9.86 -4.26 5.92
CA PRO A 221 8.98 -4.66 4.81
C PRO A 221 7.72 -5.35 5.30
N HIS A 222 6.61 -5.03 4.63
CA HIS A 222 5.27 -5.55 4.86
C HIS A 222 4.64 -5.02 6.14
N HIS A 223 5.24 -4.03 6.81
CA HIS A 223 4.59 -3.44 7.97
C HIS A 223 3.22 -2.85 7.63
N GLU A 224 3.00 -2.47 6.37
CA GLU A 224 1.73 -1.84 6.05
C GLU A 224 0.61 -2.88 5.86
N LEU A 225 0.91 -4.15 5.81
CA LEU A 225 -0.16 -5.14 5.63
C LEU A 225 -0.87 -5.44 6.96
N ASN A 226 -2.05 -6.00 6.85
CA ASN A 226 -2.62 -6.73 7.97
C ASN A 226 -1.59 -7.73 8.47
N PRO A 227 -1.20 -7.68 9.75
CA PRO A 227 -0.12 -8.56 10.26
C PRO A 227 -0.36 -10.04 10.01
N MET A 228 -1.63 -10.44 9.90
CA MET A 228 -1.97 -11.84 9.63
CA MET A 228 -1.97 -11.82 9.62
C MET A 228 -1.47 -12.32 8.28
N ARG A 229 -1.18 -11.43 7.33
CA ARG A 229 -0.72 -11.82 6.00
CA ARG A 229 -0.72 -11.82 6.00
C ARG A 229 0.79 -11.82 5.86
N VAL A 230 1.54 -11.46 6.90
CA VAL A 230 2.99 -11.26 6.69
C VAL A 230 3.71 -12.57 6.37
N LEU A 231 3.44 -13.64 7.11
CA LEU A 231 4.09 -14.92 6.82
C LEU A 231 3.86 -15.34 5.36
N LEU A 232 2.61 -15.32 4.92
CA LEU A 232 2.31 -15.65 3.52
C LEU A 232 3.03 -14.70 2.56
N LYS A 233 3.05 -13.41 2.87
CA LYS A 233 3.74 -12.46 2.01
C LYS A 233 5.22 -12.80 1.88
N ILE A 234 5.89 -13.06 3.01
CA ILE A 234 7.31 -13.43 2.97
C ILE A 234 7.50 -14.69 2.11
N ALA A 235 6.63 -15.68 2.27
CA ALA A 235 6.84 -16.92 1.52
C ALA A 235 6.66 -16.71 0.03
N LYS A 236 5.65 -15.95 -0.37
CA LYS A 236 5.33 -15.89 -1.78
C LYS A 236 6.02 -14.72 -2.52
N SER A 237 6.49 -13.69 -1.86
CA SER A 237 6.99 -12.49 -2.54
C SER A 237 8.45 -12.64 -2.95
N ASP A 238 8.83 -11.91 -4.02
CA ASP A 238 10.23 -11.65 -4.31
C ASP A 238 10.88 -10.97 -3.10
N PRO A 239 12.20 -11.05 -3.00
CA PRO A 239 12.90 -10.44 -1.84
C PRO A 239 12.60 -8.95 -1.80
N PRO A 240 12.47 -8.41 -0.60
CA PRO A 240 12.21 -6.98 -0.46
C PRO A 240 13.40 -6.16 -0.95
N THR A 241 13.11 -4.91 -1.34
CA THR A 241 14.14 -3.97 -1.78
C THR A 241 13.91 -2.60 -1.15
N LEU A 242 14.93 -1.74 -1.28
CA LEU A 242 14.77 -0.34 -0.93
C LEU A 242 13.81 0.27 -1.93
N LEU A 243 12.70 0.83 -1.45
CA LEU A 243 11.65 1.30 -2.36
CA LEU A 243 11.66 1.31 -2.36
C LEU A 243 12.02 2.61 -3.07
N THR A 244 12.97 3.38 -2.55
CA THR A 244 13.43 4.60 -3.22
C THR A 244 14.90 4.41 -3.57
N PRO A 245 15.19 3.67 -4.62
CA PRO A 245 16.61 3.31 -4.89
C PRO A 245 17.52 4.50 -5.16
N SER A 246 16.98 5.60 -5.69
CA SER A 246 17.82 6.77 -5.96
C SER A 246 18.34 7.43 -4.68
N LYS A 247 17.77 7.10 -3.53
CA LYS A 247 18.24 7.63 -2.26
C LYS A 247 19.52 6.94 -1.81
N TRP A 248 19.85 5.79 -2.40
CA TRP A 248 20.86 4.90 -1.84
C TRP A 248 21.92 4.54 -2.88
N SER A 249 23.14 4.22 -2.40
CA SER A 249 24.21 3.82 -3.31
C SER A 249 23.94 2.44 -3.96
N VAL A 250 24.62 2.21 -5.08
N VAL A 250 24.64 2.19 -5.07
CA VAL A 250 24.54 0.89 -5.71
CA VAL A 250 24.52 0.89 -5.71
C VAL A 250 25.09 -0.18 -4.79
C VAL A 250 25.12 -0.19 -4.82
N GLU A 251 26.10 0.15 -3.98
CA GLU A 251 26.68 -0.85 -3.08
C GLU A 251 25.64 -1.37 -2.08
N PHE A 252 24.82 -0.45 -1.52
CA PHE A 252 23.77 -0.81 -0.57
C PHE A 252 22.72 -1.70 -1.25
N ARG A 253 22.24 -1.28 -2.42
CA ARG A 253 21.25 -2.07 -3.12
C ARG A 253 21.82 -3.44 -3.50
N ASP A 254 23.08 -3.48 -3.94
CA ASP A 254 23.71 -4.73 -4.30
C ASP A 254 23.89 -5.62 -3.08
N PHE A 255 24.30 -5.05 -1.95
CA PHE A 255 24.45 -5.86 -0.74
C PHE A 255 23.12 -6.53 -0.39
N LEU A 256 22.03 -5.77 -0.47
CA LEU A 256 20.72 -6.31 -0.15
C LEU A 256 20.31 -7.37 -1.15
N LYS A 257 20.65 -7.15 -2.44
CA LYS A 257 20.28 -8.14 -3.45
C LYS A 257 20.92 -9.49 -3.13
N ILE A 258 22.18 -9.51 -2.70
CA ILE A 258 22.79 -10.81 -2.47
C ILE A 258 22.40 -11.35 -1.09
N ALA A 259 22.26 -10.51 -0.05
CA ALA A 259 21.91 -11.04 1.28
C ALA A 259 20.48 -11.59 1.31
N LEU A 260 19.56 -10.89 0.68
CA LEU A 260 18.15 -11.28 0.70
C LEU A 260 17.87 -12.28 -0.41
N ASP A 261 18.69 -13.33 -0.36
CA ASP A 261 18.56 -14.50 -1.21
C ASP A 261 17.53 -15.46 -0.62
N LYS A 262 16.45 -15.79 -1.36
CA LYS A 262 15.44 -16.68 -0.76
C LYS A 262 15.94 -18.11 -0.60
N ASN A 263 16.95 -18.51 -1.37
CA ASN A 263 17.54 -19.83 -1.24
C ASN A 263 18.65 -19.83 -0.17
N PRO A 264 18.45 -20.47 0.99
CA PRO A 264 19.48 -20.42 2.05
C PRO A 264 20.78 -21.06 1.63
N GLU A 265 20.78 -21.96 0.65
CA GLU A 265 22.03 -22.58 0.23
C GLU A 265 22.93 -21.56 -0.47
N THR A 266 22.37 -20.67 -1.28
CA THR A 266 23.25 -19.73 -1.97
C THR A 266 23.37 -18.40 -1.24
N ARG A 267 22.54 -18.15 -0.23
CA ARG A 267 22.66 -16.94 0.56
C ARG A 267 24.08 -16.87 1.14
N PRO A 268 24.74 -15.72 1.08
CA PRO A 268 26.14 -15.64 1.56
C PRO A 268 26.18 -15.70 3.07
N SER A 269 27.35 -16.10 3.58
CA SER A 269 27.63 -16.10 5.01
CA SER A 269 27.58 -16.09 5.02
C SER A 269 28.01 -14.69 5.47
N ALA A 270 28.08 -14.50 6.78
CA ALA A 270 28.52 -13.21 7.29
C ALA A 270 29.95 -12.90 6.84
N ALA A 271 30.83 -13.91 6.88
CA ALA A 271 32.21 -13.67 6.44
C ALA A 271 32.25 -13.25 4.97
N GLN A 272 31.39 -13.84 4.13
CA GLN A 272 31.43 -13.44 2.73
C GLN A 272 30.96 -12.00 2.57
N LEU A 273 29.92 -11.60 3.33
CA LEU A 273 29.40 -10.26 3.21
C LEU A 273 30.38 -9.21 3.76
N LEU A 274 31.29 -9.59 4.66
CA LEU A 274 32.31 -8.67 5.13
C LEU A 274 33.28 -8.29 4.02
N GLU A 275 33.32 -9.07 2.93
CA GLU A 275 34.12 -8.70 1.77
C GLU A 275 33.39 -7.74 0.82
N HIS A 276 32.10 -7.50 1.03
CA HIS A 276 31.32 -6.70 0.09
C HIS A 276 31.70 -5.22 0.21
N PRO A 277 31.78 -4.48 -0.91
CA PRO A 277 32.22 -3.06 -0.83
C PRO A 277 31.27 -2.18 -0.01
N PHE A 278 30.03 -2.62 0.29
CA PHE A 278 29.19 -1.85 1.21
C PHE A 278 29.79 -1.73 2.61
N VAL A 279 30.61 -2.70 3.04
CA VAL A 279 31.16 -2.68 4.40
C VAL A 279 32.66 -2.94 4.45
N SER A 280 33.25 -3.38 3.35
CA SER A 280 34.65 -3.83 3.44
C SER A 280 35.59 -2.69 3.83
N SER A 281 35.21 -1.43 3.63
CA SER A 281 36.07 -0.31 4.01
C SER A 281 35.56 0.45 5.23
N ILE A 282 34.52 -0.05 5.90
CA ILE A 282 34.01 0.58 7.10
C ILE A 282 34.95 0.24 8.26
N THR A 283 35.69 1.23 8.77
CA THR A 283 36.57 1.01 9.91
C THR A 283 36.26 1.91 11.10
N SER A 284 35.37 2.90 10.98
CA SER A 284 35.16 3.87 12.04
C SER A 284 33.68 3.94 12.38
N ASN A 285 33.37 4.03 13.67
CA ASN A 285 31.97 4.10 14.11
C ASN A 285 31.47 5.54 14.24
N LYS A 286 32.22 6.51 13.70
CA LYS A 286 31.93 7.92 13.91
C LYS A 286 30.46 8.26 13.61
N ALA A 287 29.96 7.78 12.47
CA ALA A 287 28.60 8.10 12.06
C ALA A 287 27.56 7.64 13.09
N LEU A 288 27.83 6.57 13.82
CA LEU A 288 26.92 6.12 14.86
C LEU A 288 27.06 6.92 16.15
N ARG A 289 28.27 7.39 16.45
CA ARG A 289 28.42 8.30 17.58
C ARG A 289 27.61 9.57 17.38
N GLU A 290 27.64 10.12 16.16
CA GLU A 290 26.86 11.32 15.89
C GLU A 290 25.37 11.05 16.06
N LEU A 291 24.92 9.87 15.61
CA LEU A 291 23.52 9.52 15.72
C LEU A 291 23.10 9.40 17.18
N VAL A 292 23.92 8.75 18.00
CA VAL A 292 23.63 8.66 19.43
C VAL A 292 23.67 10.05 20.08
N ALA A 293 24.67 10.87 19.72
CA ALA A 293 24.73 12.20 20.31
C ALA A 293 23.51 13.03 19.89
N GLU A 294 23.03 12.84 18.66
CA GLU A 294 21.87 13.60 18.23
C GLU A 294 20.60 13.12 18.92
N ALA A 295 20.50 11.82 19.17
CA ALA A 295 19.36 11.28 19.90
C ALA A 295 19.38 11.72 21.35
N LYS A 296 20.57 11.83 21.95
CA LYS A 296 20.66 12.31 23.32
C LYS A 296 20.27 13.78 23.40
N ALA A 297 20.49 14.55 22.33
CA ALA A 297 20.14 15.96 22.33
C ALA A 297 18.63 16.17 22.27
N GLU A 298 17.88 15.22 21.73
CA GLU A 298 16.42 15.33 21.63
C GLU A 298 15.72 15.12 22.97
N VAL A 299 16.33 14.38 23.90
CA VAL A 299 15.72 14.13 25.20
C VAL A 299 16.72 14.41 26.32
N GLU B 9 25.11 7.76 -12.39
CA GLU B 9 24.98 7.25 -13.74
C GLU B 9 24.98 5.73 -13.73
N HIS B 10 24.27 5.13 -14.69
CA HIS B 10 24.16 3.69 -14.83
C HIS B 10 25.14 3.13 -15.86
N VAL B 11 25.97 3.98 -16.46
CA VAL B 11 26.92 3.59 -17.49
C VAL B 11 28.31 3.51 -16.88
N ARG B 12 29.00 2.41 -17.13
CA ARG B 12 30.34 2.17 -16.61
C ARG B 12 31.31 2.24 -17.78
N ARG B 13 32.28 3.15 -17.68
CA ARG B 13 33.27 3.38 -18.73
C ARG B 13 34.61 2.68 -18.47
N ASP B 14 34.83 2.18 -17.25
CA ASP B 14 36.08 1.50 -16.92
C ASP B 14 36.23 0.19 -17.68
N LEU B 15 35.17 -0.62 -17.76
CA LEU B 15 35.24 -1.98 -18.26
C LEU B 15 34.86 -2.05 -19.73
N ASP B 16 35.55 -2.92 -20.47
CA ASP B 16 35.21 -3.15 -21.87
C ASP B 16 34.18 -4.27 -21.97
N PRO B 17 33.01 -4.01 -22.57
CA PRO B 17 31.93 -5.02 -22.57
C PRO B 17 32.27 -6.26 -23.37
N ASN B 18 33.18 -6.19 -24.33
CA ASN B 18 33.54 -7.37 -25.10
C ASN B 18 34.17 -8.44 -24.23
N GLU B 19 34.80 -8.06 -23.11
CA GLU B 19 35.31 -9.04 -22.16
C GLU B 19 34.20 -9.67 -21.33
N VAL B 20 33.07 -8.99 -21.18
CA VAL B 20 31.96 -9.52 -20.40
C VAL B 20 30.96 -10.27 -21.28
N TRP B 21 30.65 -9.73 -22.46
CA TRP B 21 29.59 -10.25 -23.31
C TRP B 21 30.15 -10.71 -24.66
N GLU B 22 29.66 -11.85 -25.13
CA GLU B 22 29.96 -12.35 -26.46
C GLU B 22 28.73 -12.13 -27.34
N ILE B 23 28.90 -11.41 -28.44
CA ILE B 23 27.82 -11.20 -29.39
C ILE B 23 27.56 -12.50 -30.15
N VAL B 24 26.33 -12.98 -30.11
CA VAL B 24 25.97 -14.27 -30.71
C VAL B 24 24.99 -14.13 -31.85
N GLY B 25 24.59 -12.91 -32.21
CA GLY B 25 23.70 -12.73 -33.35
C GLY B 25 23.20 -11.31 -33.43
N GLU B 26 22.59 -11.00 -34.57
CA GLU B 26 22.03 -9.68 -34.84
C GLU B 26 20.51 -9.73 -34.83
N LEU B 27 19.89 -8.89 -34.01
CA LEU B 27 18.43 -8.85 -33.93
C LEU B 27 17.81 -7.82 -34.88
N GLY B 28 18.53 -6.75 -35.18
CA GLY B 28 18.08 -5.79 -36.19
C GLY B 28 19.07 -4.65 -36.30
N ASP B 29 18.96 -3.92 -37.40
CA ASP B 29 19.71 -2.66 -37.52
C ASP B 29 18.76 -1.57 -38.01
N GLY B 30 19.21 -0.34 -37.79
CA GLY B 30 18.46 0.83 -38.21
C GLY B 30 19.33 2.06 -38.01
N ALA B 31 18.71 3.23 -38.11
CA ALA B 31 19.46 4.46 -37.90
C ALA B 31 20.04 4.54 -36.50
N PHE B 32 19.45 3.82 -35.55
CA PHE B 32 19.91 3.76 -34.17
C PHE B 32 21.12 2.87 -33.98
N GLY B 33 21.84 2.52 -35.05
CA GLY B 33 22.90 1.54 -34.95
C GLY B 33 22.35 0.14 -35.14
N LYS B 34 22.83 -0.80 -34.33
CA LYS B 34 22.39 -2.19 -34.41
C LYS B 34 22.09 -2.68 -32.99
N VAL B 35 21.24 -3.70 -32.90
CA VAL B 35 20.97 -4.40 -31.64
C VAL B 35 21.36 -5.86 -31.82
N TYR B 36 22.21 -6.36 -30.92
CA TYR B 36 22.73 -7.71 -31.02
C TYR B 36 22.15 -8.61 -29.93
N LYS B 37 22.20 -9.91 -30.16
CA LYS B 37 21.99 -10.88 -29.12
C LYS B 37 23.35 -11.18 -28.49
N ALA B 38 23.40 -11.12 -27.16
CA ALA B 38 24.66 -11.30 -26.43
C ALA B 38 24.48 -12.29 -25.30
N LYS B 39 25.54 -13.07 -25.05
CA LYS B 39 25.59 -14.06 -23.97
C LYS B 39 26.71 -13.68 -23.02
N ASN B 40 26.39 -13.59 -21.73
CA ASN B 40 27.38 -13.26 -20.72
C ASN B 40 28.43 -14.36 -20.60
N LYS B 41 29.71 -13.98 -20.66
CA LYS B 41 30.78 -14.98 -20.64
C LYS B 41 30.89 -15.69 -19.30
N GLU B 42 30.48 -15.05 -18.20
CA GLU B 42 30.59 -15.66 -16.88
C GLU B 42 29.38 -16.51 -16.53
N THR B 43 28.20 -15.88 -16.42
CA THR B 43 26.98 -16.62 -16.07
C THR B 43 26.43 -17.41 -17.25
N GLY B 44 26.48 -16.83 -18.45
CA GLY B 44 25.79 -17.37 -19.59
C GLY B 44 24.42 -16.77 -19.87
N ALA B 45 23.94 -15.87 -19.01
CA ALA B 45 22.67 -15.22 -19.25
C ALA B 45 22.71 -14.44 -20.56
N LEU B 46 21.54 -14.34 -21.20
CA LEU B 46 21.42 -13.66 -22.48
C LEU B 46 20.87 -12.25 -22.29
N ALA B 47 21.20 -11.38 -23.25
CA ALA B 47 20.75 -9.99 -23.22
C ALA B 47 20.68 -9.44 -24.65
N ALA B 48 19.79 -8.45 -24.85
CA ALA B 48 19.82 -7.64 -26.04
C ALA B 48 20.82 -6.51 -25.85
N ALA B 49 21.67 -6.30 -26.85
CA ALA B 49 22.73 -5.32 -26.76
C ALA B 49 22.49 -4.28 -27.84
N LYS B 50 22.03 -3.10 -27.42
CA LYS B 50 21.84 -1.97 -28.31
C LYS B 50 23.17 -1.23 -28.36
N VAL B 51 23.82 -1.26 -29.51
CA VAL B 51 25.16 -0.68 -29.68
C VAL B 51 25.03 0.53 -30.59
N ILE B 52 25.45 1.69 -30.08
CA ILE B 52 25.34 2.94 -30.81
C ILE B 52 26.68 3.64 -30.84
N GLU B 53 27.17 3.96 -32.03
CA GLU B 53 28.44 4.66 -32.20
C GLU B 53 28.17 6.15 -32.31
N THR B 54 28.58 6.91 -31.30
CA THR B 54 28.36 8.36 -31.28
C THR B 54 29.31 9.05 -30.32
N GLU B 57 29.94 12.39 -28.37
CA GLU B 57 29.09 13.31 -29.13
C GLU B 57 27.77 13.63 -28.42
N GLU B 58 27.38 14.91 -28.50
CA GLU B 58 26.07 15.44 -28.10
C GLU B 58 24.96 14.39 -28.02
N GLU B 59 24.91 13.54 -29.05
CA GLU B 59 23.84 12.57 -29.22
C GLU B 59 23.67 11.64 -28.02
N LEU B 60 24.72 11.43 -27.21
CA LEU B 60 24.60 10.53 -26.07
C LEU B 60 23.47 10.93 -25.13
N GLU B 61 23.03 12.18 -25.17
CA GLU B 61 21.92 12.63 -24.33
C GLU B 61 20.66 11.78 -24.53
N ASP B 62 20.28 11.55 -25.79
CA ASP B 62 19.02 10.86 -26.05
C ASP B 62 19.07 9.43 -25.55
N TYR B 63 20.22 8.79 -25.64
CA TYR B 63 20.29 7.38 -25.35
C TYR B 63 20.52 7.09 -23.88
N ILE B 64 21.12 8.03 -23.14
CA ILE B 64 21.22 7.81 -21.71
C ILE B 64 19.86 8.02 -21.05
N VAL B 65 19.02 8.87 -21.65
CA VAL B 65 17.64 9.00 -21.15
C VAL B 65 16.92 7.66 -21.28
N GLU B 66 17.21 6.92 -22.36
CA GLU B 66 16.63 5.59 -22.48
C GLU B 66 17.06 4.68 -21.34
N ILE B 67 18.35 4.73 -20.98
CA ILE B 67 18.81 4.00 -19.81
C ILE B 67 18.09 4.48 -18.56
N GLU B 68 17.90 5.80 -18.44
CA GLU B 68 17.22 6.36 -17.27
C GLU B 68 15.78 5.86 -17.16
N ILE B 69 15.07 5.78 -18.29
CA ILE B 69 13.70 5.26 -18.30
C ILE B 69 13.68 3.80 -17.87
N LEU B 70 14.52 2.98 -18.48
CA LEU B 70 14.47 1.55 -18.13
C LEU B 70 14.86 1.32 -16.68
N ALA B 71 15.82 2.11 -16.16
CA ALA B 71 16.26 1.90 -14.77
C ALA B 71 15.15 2.23 -13.78
N THR B 72 14.27 3.19 -14.12
CA THR B 72 13.18 3.61 -13.26
C THR B 72 12.00 2.64 -13.26
N CYS B 73 11.82 1.84 -14.33
CA CYS B 73 10.69 0.92 -14.44
C CYS B 73 10.98 -0.42 -13.75
N ASP B 74 10.38 -0.65 -12.59
CA ASP B 74 10.51 -1.92 -11.92
C ASP B 74 9.34 -2.84 -12.24
N HIS B 75 8.48 -2.44 -13.08
CA HIS B 75 7.32 -3.23 -13.45
C HIS B 75 7.72 -4.42 -14.33
N PRO B 76 7.15 -5.60 -14.08
CA PRO B 76 7.56 -6.79 -14.85
C PRO B 76 7.23 -6.74 -16.35
N TYR B 77 6.25 -5.94 -16.79
CA TYR B 77 5.90 -5.94 -18.21
C TYR B 77 6.67 -4.90 -19.03
N ILE B 78 7.82 -4.45 -18.53
CA ILE B 78 8.74 -3.56 -19.25
CA ILE B 78 8.72 -3.58 -19.27
C ILE B 78 10.09 -4.24 -19.30
N VAL B 79 10.78 -4.20 -20.45
CA VAL B 79 12.11 -4.81 -20.54
C VAL B 79 13.01 -4.22 -19.47
N LYS B 80 13.77 -5.09 -18.79
CA LYS B 80 14.63 -4.66 -17.70
C LYS B 80 15.97 -4.15 -18.22
N LEU B 81 16.52 -3.14 -17.55
CA LEU B 81 17.89 -2.71 -17.83
C LEU B 81 18.85 -3.66 -17.14
N LEU B 82 19.74 -4.30 -17.90
CA LEU B 82 20.72 -5.21 -17.32
C LEU B 82 22.06 -4.56 -17.05
N GLY B 83 22.37 -3.48 -17.75
CA GLY B 83 23.63 -2.78 -17.56
C GLY B 83 23.88 -1.86 -18.72
N ALA B 84 24.93 -1.06 -18.58
CA ALA B 84 25.30 -0.11 -19.61
C ALA B 84 26.80 0.09 -19.56
N TYR B 85 27.41 0.26 -20.74
CA TYR B 85 28.83 0.50 -20.85
C TYR B 85 29.05 1.57 -21.92
N TYR B 86 30.12 2.33 -21.74
CA TYR B 86 30.68 3.17 -22.79
C TYR B 86 32.17 2.84 -22.89
N HIS B 87 32.58 2.27 -24.02
CA HIS B 87 33.97 1.96 -24.27
C HIS B 87 34.23 2.21 -25.75
N ASP B 88 35.50 2.52 -26.07
CA ASP B 88 35.85 3.01 -27.40
C ASP B 88 34.95 4.19 -27.75
N GLY B 89 34.22 4.08 -28.86
CA GLY B 89 33.29 5.13 -29.26
C GLY B 89 31.86 4.65 -29.35
N LYS B 90 31.53 3.58 -28.63
CA LYS B 90 30.21 2.98 -28.70
C LYS B 90 29.57 2.87 -27.32
N LEU B 91 28.29 3.22 -27.24
CA LEU B 91 27.50 3.07 -26.02
C LEU B 91 26.74 1.75 -26.09
N TRP B 92 26.92 0.91 -25.07
CA TRP B 92 26.23 -0.37 -24.99
C TRP B 92 25.12 -0.28 -23.95
N ILE B 93 23.89 -0.56 -24.38
CA ILE B 93 22.76 -0.69 -23.47
C ILE B 93 22.36 -2.16 -23.46
N MET B 94 22.58 -2.82 -22.33
CA MET B 94 22.23 -4.24 -22.17
C MET B 94 20.82 -4.33 -21.60
N ILE B 95 19.94 -5.00 -22.33
CA ILE B 95 18.53 -5.05 -22.01
C ILE B 95 18.07 -6.51 -21.92
N GLU B 96 17.06 -6.74 -21.08
CA GLU B 96 16.44 -8.06 -20.93
C GLU B 96 16.12 -8.67 -22.29
N PHE B 97 16.57 -9.89 -22.50
CA PHE B 97 16.31 -10.60 -23.73
C PHE B 97 15.05 -11.42 -23.61
N CYS B 98 14.17 -11.31 -24.60
CA CYS B 98 12.91 -12.03 -24.52
C CYS B 98 12.89 -13.14 -25.55
N PRO B 99 13.04 -14.40 -25.13
CA PRO B 99 13.20 -15.49 -26.10
C PRO B 99 11.99 -15.70 -26.99
N GLY B 100 10.79 -15.33 -26.53
CA GLY B 100 9.63 -15.47 -27.39
C GLY B 100 9.63 -14.56 -28.61
N GLY B 101 10.43 -13.49 -28.60
CA GLY B 101 10.48 -12.58 -29.72
C GLY B 101 9.30 -11.62 -29.73
N ALA B 102 9.21 -10.84 -30.80
CA ALA B 102 8.15 -9.83 -30.91
C ALA B 102 6.88 -10.44 -31.46
N VAL B 103 5.73 -9.87 -31.08
CA VAL B 103 4.44 -10.44 -31.49
C VAL B 103 4.28 -10.37 -33.01
N ASP B 104 4.77 -9.30 -33.65
CA ASP B 104 4.56 -9.22 -35.10
C ASP B 104 5.31 -10.33 -35.81
N ALA B 105 6.50 -10.67 -35.30
CA ALA B 105 7.29 -11.78 -35.83
C ALA B 105 6.62 -13.11 -35.57
N ILE B 106 5.95 -13.24 -34.42
CA ILE B 106 5.25 -14.47 -34.09
C ILE B 106 4.13 -14.71 -35.10
N MET B 107 3.42 -13.66 -35.47
CA MET B 107 2.31 -13.83 -36.41
C MET B 107 2.81 -14.24 -37.79
N LEU B 108 3.96 -13.69 -38.22
CA LEU B 108 4.50 -14.07 -39.53
C LEU B 108 4.98 -15.51 -39.53
N GLU B 109 5.60 -15.98 -38.44
CA GLU B 109 6.07 -17.36 -38.40
C GLU B 109 4.89 -18.34 -38.41
N LEU B 110 3.81 -17.99 -37.73
CA LEU B 110 2.63 -18.83 -37.70
C LEU B 110 1.68 -18.55 -38.86
N ASP B 111 1.91 -17.46 -39.60
CA ASP B 111 1.04 -17.08 -40.71
C ASP B 111 -0.40 -16.90 -40.25
N ARG B 112 -0.58 -16.27 -39.09
CA ARG B 112 -1.92 -16.04 -38.58
C ARG B 112 -1.87 -15.00 -37.48
N GLY B 113 -2.99 -14.32 -37.27
CA GLY B 113 -3.09 -13.38 -36.18
C GLY B 113 -3.35 -14.11 -34.88
N LEU B 114 -3.37 -13.36 -33.78
CA LEU B 114 -3.66 -13.97 -32.49
C LEU B 114 -5.15 -14.28 -32.36
N THR B 115 -5.46 -15.28 -31.53
CA THR B 115 -6.86 -15.53 -31.16
C THR B 115 -7.32 -14.45 -30.19
N GLU B 116 -8.63 -14.34 -30.00
CA GLU B 116 -9.14 -13.33 -29.08
C GLU B 116 -8.61 -13.53 -27.66
N PRO B 117 -8.60 -14.74 -27.08
CA PRO B 117 -7.99 -14.89 -25.75
C PRO B 117 -6.54 -14.48 -25.70
N GLN B 118 -5.78 -14.71 -26.77
CA GLN B 118 -4.40 -14.27 -26.76
C GLN B 118 -4.30 -12.75 -26.77
N ILE B 119 -5.14 -12.09 -27.57
CA ILE B 119 -5.18 -10.62 -27.58
C ILE B 119 -5.61 -10.09 -26.22
N GLN B 120 -6.55 -10.78 -25.55
CA GLN B 120 -6.99 -10.34 -24.24
C GLN B 120 -5.84 -10.31 -23.24
N VAL B 121 -4.98 -11.34 -23.24
CA VAL B 121 -3.86 -11.32 -22.31
C VAL B 121 -2.89 -10.18 -22.65
N VAL B 122 -2.53 -10.05 -23.93
CA VAL B 122 -1.64 -8.97 -24.35
C VAL B 122 -2.25 -7.63 -23.99
N CYS B 123 -3.54 -7.45 -24.29
CA CYS B 123 -4.19 -6.19 -23.98
C CYS B 123 -4.14 -5.90 -22.48
N ARG B 124 -4.46 -6.89 -21.67
CA ARG B 124 -4.48 -6.72 -20.21
C ARG B 124 -3.10 -6.30 -19.72
N GLN B 125 -2.06 -7.01 -20.18
CA GLN B 125 -0.72 -6.72 -19.71
C GLN B 125 -0.20 -5.40 -20.28
N MET B 126 -0.54 -5.08 -21.52
CA MET B 126 -0.17 -3.77 -22.05
C MET B 126 -0.80 -2.66 -21.22
N LEU B 127 -2.08 -2.81 -20.87
CA LEU B 127 -2.76 -1.79 -20.09
C LEU B 127 -2.10 -1.62 -18.72
N GLU B 128 -1.71 -2.73 -18.10
CA GLU B 128 -1.05 -2.62 -16.80
C GLU B 128 0.27 -1.91 -16.93
N ALA B 129 1.04 -2.22 -17.98
CA ALA B 129 2.33 -1.55 -18.16
C ALA B 129 2.11 -0.06 -18.45
N LEU B 130 1.15 0.26 -19.30
CA LEU B 130 0.90 1.68 -19.59
C LEU B 130 0.39 2.42 -18.36
N ASN B 131 -0.47 1.79 -17.56
CA ASN B 131 -0.94 2.42 -16.35
C ASN B 131 0.25 2.75 -15.45
N PHE B 132 1.21 1.83 -15.35
CA PHE B 132 2.43 2.07 -14.57
C PHE B 132 3.25 3.22 -15.14
N LEU B 133 3.51 3.22 -16.45
CA LEU B 133 4.36 4.23 -17.08
C LEU B 133 3.74 5.62 -16.97
N HIS B 134 2.45 5.72 -17.28
CA HIS B 134 1.78 7.01 -17.30
C HIS B 134 1.70 7.63 -15.91
N SER B 135 1.61 6.82 -14.85
CA SER B 135 1.63 7.36 -13.52
C SER B 135 2.98 8.01 -13.20
N LYS B 136 4.02 7.61 -13.92
CA LYS B 136 5.33 8.26 -13.82
C LYS B 136 5.56 9.28 -14.94
N ARG B 137 4.50 9.63 -15.71
CA ARG B 137 4.55 10.48 -16.92
C ARG B 137 5.61 10.02 -17.91
N ILE B 138 5.79 8.72 -18.04
CA ILE B 138 6.60 8.16 -19.12
C ILE B 138 5.60 7.74 -20.20
N ILE B 139 5.73 8.31 -21.39
CA ILE B 139 4.87 7.97 -22.51
C ILE B 139 5.71 7.20 -23.50
N HIS B 140 5.22 6.02 -23.90
CA HIS B 140 6.04 5.17 -24.76
C HIS B 140 6.20 5.79 -26.14
N ARG B 141 5.08 6.19 -26.75
CA ARG B 141 4.93 6.92 -28.02
C ARG B 141 5.21 6.10 -29.26
N ASP B 142 5.59 4.84 -29.16
CA ASP B 142 5.90 4.01 -30.33
C ASP B 142 5.38 2.59 -30.16
N LEU B 143 4.18 2.46 -29.60
CA LEU B 143 3.60 1.13 -29.44
C LEU B 143 3.23 0.54 -30.79
N LYS B 144 3.47 -0.76 -30.93
CA LYS B 144 3.09 -1.56 -32.10
C LYS B 144 3.41 -3.01 -31.73
N ALA B 145 2.88 -3.96 -32.51
CA ALA B 145 3.11 -5.35 -32.17
C ALA B 145 4.60 -5.69 -32.18
N GLY B 146 5.39 -5.01 -33.02
CA GLY B 146 6.83 -5.20 -33.07
C GLY B 146 7.57 -4.80 -31.81
N ASN B 147 6.95 -4.02 -30.94
CA ASN B 147 7.56 -3.60 -29.69
C ASN B 147 6.93 -4.28 -28.48
N VAL B 148 6.14 -5.32 -28.70
CA VAL B 148 5.61 -6.16 -27.65
C VAL B 148 6.35 -7.49 -27.75
N LEU B 149 7.24 -7.74 -26.79
CA LEU B 149 8.01 -8.96 -26.76
C LEU B 149 7.31 -9.97 -25.87
N MET B 150 7.66 -11.25 -26.05
CA MET B 150 7.07 -12.35 -25.31
CA MET B 150 7.06 -12.33 -25.29
C MET B 150 8.15 -13.11 -24.55
N THR B 151 7.82 -13.54 -23.34
CA THR B 151 8.67 -14.49 -22.64
C THR B 151 8.14 -15.91 -22.87
N LEU B 152 9.00 -16.89 -22.59
CA LEU B 152 8.54 -18.27 -22.75
C LEU B 152 7.48 -18.63 -21.73
N GLU B 153 7.36 -17.84 -20.66
CA GLU B 153 6.33 -18.05 -19.64
C GLU B 153 4.98 -17.45 -20.03
N GLY B 154 4.90 -16.76 -21.17
CA GLY B 154 3.63 -16.21 -21.61
C GLY B 154 3.33 -14.80 -21.15
N ASP B 155 4.32 -14.02 -20.73
CA ASP B 155 4.11 -12.62 -20.40
C ASP B 155 4.73 -11.73 -21.48
N ILE B 156 4.25 -10.47 -21.55
CA ILE B 156 4.77 -9.50 -22.51
C ILE B 156 5.86 -8.67 -21.84
N ARG B 157 6.64 -7.98 -22.66
CA ARG B 157 7.52 -6.91 -22.24
C ARG B 157 7.39 -5.79 -23.25
N LEU B 158 7.03 -4.59 -22.80
CA LEU B 158 7.12 -3.43 -23.67
C LEU B 158 8.59 -3.14 -23.97
N ALA B 159 8.88 -2.88 -25.25
CA ALA B 159 10.26 -2.67 -25.65
C ALA B 159 10.41 -1.42 -26.50
N ASP B 160 11.68 -1.09 -26.77
CA ASP B 160 12.13 0.05 -27.58
C ASP B 160 11.57 1.39 -27.11
N PHE B 161 12.21 1.96 -26.09
CA PHE B 161 11.87 3.28 -25.60
C PHE B 161 12.68 4.38 -26.29
N GLY B 162 13.17 4.13 -27.51
CA GLY B 162 13.95 5.14 -28.20
C GLY B 162 13.15 6.40 -28.51
N VAL B 163 11.91 6.22 -28.98
CA VAL B 163 11.13 7.42 -29.27
C VAL B 163 10.74 8.09 -27.97
N SER B 164 10.43 7.31 -26.93
CA SER B 164 10.10 7.88 -25.63
C SER B 164 11.25 8.74 -25.12
N ALA B 165 12.46 8.25 -25.28
CA ALA B 165 13.59 8.96 -24.73
C ALA B 165 13.93 10.22 -25.53
N LYS B 166 13.74 10.20 -26.84
CA LYS B 166 13.94 11.43 -27.61
C LYS B 166 12.97 12.55 -27.21
N ASN B 167 11.80 12.22 -26.63
CA ASN B 167 10.80 13.22 -26.27
C ASN B 167 10.60 13.41 -24.77
N LEU B 168 11.41 12.75 -23.92
CA LEU B 168 11.09 12.71 -22.49
C LEU B 168 11.38 14.04 -21.79
N LYS B 169 12.53 14.62 -22.04
CA LYS B 169 12.90 15.81 -21.29
C LYS B 169 12.62 17.06 -22.12
N TPO B 170 12.76 16.97 -23.44
CA TPO B 170 12.53 18.14 -24.30
CB TPO B 170 13.24 17.93 -25.71
CG2 TPO B 170 12.32 18.13 -26.91
OG1 TPO B 170 14.46 18.72 -25.84
P TPO B 170 14.31 20.34 -25.96
O1P TPO B 170 12.84 20.90 -25.60
O2P TPO B 170 14.57 20.71 -27.36
O3P TPO B 170 15.34 21.08 -24.96
C TPO B 170 11.03 18.43 -24.46
O TPO B 170 10.21 17.52 -24.55
N LEU B 171 10.69 19.71 -24.45
CA LEU B 171 9.29 20.13 -24.52
C LEU B 171 8.87 20.50 -25.96
N GLN B 172 9.70 20.16 -26.95
CA GLN B 172 9.38 20.40 -28.36
C GLN B 172 8.16 19.56 -28.79
N SEP B 176 8.50 14.42 -37.04
CA SEP B 176 9.58 13.53 -37.50
CB SEP B 176 10.94 14.03 -37.01
OG SEP B 176 11.76 12.96 -36.64
C SEP B 176 9.32 12.09 -37.02
O SEP B 176 8.96 11.88 -35.85
P SEP B 176 12.74 13.39 -35.43
O1P SEP B 176 11.94 13.39 -34.04
O2P SEP B 176 13.95 12.33 -35.30
O3P SEP B 176 13.33 14.87 -35.73
N PHE B 177 9.50 11.12 -37.92
CA PHE B 177 9.26 9.71 -37.62
C PHE B 177 10.01 8.82 -38.60
N ILE B 178 10.05 7.51 -38.32
CA ILE B 178 10.73 6.52 -39.15
C ILE B 178 9.69 5.59 -39.76
N GLY B 179 9.82 5.32 -41.06
CA GLY B 179 8.89 4.35 -41.63
C GLY B 179 7.49 4.92 -41.76
N THR B 180 6.55 4.01 -41.86
CA THR B 180 5.15 4.39 -42.00
C THR B 180 4.51 4.31 -40.63
N PRO B 181 4.03 5.43 -40.07
CA PRO B 181 3.51 5.43 -38.67
C PRO B 181 2.05 5.01 -38.56
N TYR B 182 1.77 3.74 -38.86
CA TYR B 182 0.40 3.20 -38.76
C TYR B 182 -0.24 3.42 -37.39
N TRP B 183 0.56 3.53 -36.31
CA TRP B 183 0.00 3.54 -34.95
C TRP B 183 -0.12 4.94 -34.38
N MET B 184 0.21 5.98 -35.16
CA MET B 184 0.24 7.35 -34.66
C MET B 184 -1.17 7.85 -34.37
N ALA B 185 -1.35 8.48 -33.21
CA ALA B 185 -2.65 9.02 -32.87
C ALA B 185 -2.98 10.24 -33.74
N PRO B 186 -4.26 10.47 -34.01
CA PRO B 186 -4.63 11.57 -34.94
C PRO B 186 -4.22 12.95 -34.42
N GLU B 187 -4.24 13.19 -33.11
CA GLU B 187 -3.77 14.48 -32.63
C GLU B 187 -2.28 14.65 -32.88
N VAL B 188 -1.53 13.54 -32.88
CA VAL B 188 -0.09 13.63 -33.19
C VAL B 188 0.15 13.80 -34.69
N VAL B 189 -0.63 13.09 -35.52
CA VAL B 189 -0.59 13.30 -36.97
C VAL B 189 -0.81 14.78 -37.29
N MET B 190 -1.76 15.40 -36.58
CA MET B 190 -2.12 16.78 -36.87
C MET B 190 -1.15 17.77 -36.22
N CYS B 191 -0.07 17.28 -35.60
CA CYS B 191 0.93 18.10 -34.92
C CYS B 191 0.29 19.08 -33.93
N GLU B 192 -0.46 18.52 -33.00
CA GLU B 192 -1.03 19.35 -31.95
C GLU B 192 -0.02 19.33 -30.83
N TPO B 193 0.13 20.44 -30.15
CA TPO B 193 1.12 20.51 -29.08
CB TPO B 193 1.55 21.96 -28.86
CG2 TPO B 193 2.94 22.09 -29.47
OG1 TPO B 193 0.52 22.66 -29.58
P TPO B 193 0.81 23.92 -30.55
O1P TPO B 193 1.23 25.20 -29.67
O2P TPO B 193 -0.63 24.19 -31.19
O3P TPO B 193 1.78 23.69 -31.65
C TPO B 193 0.57 19.90 -27.82
O TPO B 193 0.15 20.59 -26.90
N MET B 194 0.57 18.58 -27.77
CA MET B 194 -0.05 17.88 -26.65
C MET B 194 0.69 18.06 -25.32
N LYS B 195 1.99 18.40 -25.35
CA LYS B 195 2.74 18.56 -24.11
C LYS B 195 2.25 19.74 -23.26
N ASP B 196 1.60 20.73 -23.86
CA ASP B 196 1.00 21.82 -23.11
C ASP B 196 -0.40 21.51 -22.61
N THR B 197 -0.87 20.29 -22.81
CA THR B 197 -2.20 19.88 -22.39
C THR B 197 -2.09 18.81 -21.31
N PRO B 198 -3.19 18.41 -20.66
CA PRO B 198 -3.16 17.23 -19.80
C PRO B 198 -3.19 15.90 -20.55
N TYR B 199 -3.24 15.88 -21.88
CA TYR B 199 -3.57 14.65 -22.60
C TYR B 199 -2.44 14.10 -23.48
N ASP B 200 -1.19 14.50 -23.23
CA ASP B 200 -0.07 13.94 -23.98
C ASP B 200 -0.06 12.40 -23.90
N TYR B 201 -0.27 11.82 -22.70
CA TYR B 201 -0.24 10.38 -22.52
C TYR B 201 -1.34 9.66 -23.28
N LYS B 202 -2.42 10.36 -23.66
CA LYS B 202 -3.49 9.67 -24.36
C LYS B 202 -3.04 9.09 -25.69
N ALA B 203 -1.95 9.58 -26.29
CA ALA B 203 -1.53 9.02 -27.58
C ALA B 203 -1.26 7.52 -27.47
N ASP B 204 -0.74 7.06 -26.32
CA ASP B 204 -0.45 5.64 -26.17
C ASP B 204 -1.72 4.79 -26.24
N ILE B 205 -2.83 5.32 -25.73
CA ILE B 205 -4.07 4.56 -25.72
C ILE B 205 -4.56 4.33 -27.15
N TRP B 206 -4.47 5.35 -28.00
CA TRP B 206 -4.81 5.15 -29.41
C TRP B 206 -3.91 4.09 -30.03
N SER B 207 -2.59 4.20 -29.84
CA SER B 207 -1.67 3.23 -30.44
C SER B 207 -1.94 1.82 -29.91
N LEU B 208 -2.32 1.69 -28.64
CA LEU B 208 -2.68 0.37 -28.13
CA LEU B 208 -2.69 0.37 -28.13
C LEU B 208 -3.84 -0.22 -28.93
N GLY B 209 -4.88 0.59 -29.20
CA GLY B 209 -6.00 0.11 -30.01
C GLY B 209 -5.58 -0.36 -31.39
N ILE B 210 -4.70 0.39 -32.04
CA ILE B 210 -4.19 -0.01 -33.35
C ILE B 210 -3.40 -1.32 -33.24
N THR B 211 -2.63 -1.45 -32.18
CA THR B 211 -1.84 -2.65 -31.97
C THR B 211 -2.74 -3.88 -31.83
N LEU B 212 -3.89 -3.73 -31.16
CA LEU B 212 -4.82 -4.87 -31.02
C LEU B 212 -5.35 -5.29 -32.37
N ILE B 213 -5.71 -4.31 -33.23
CA ILE B 213 -6.20 -4.64 -34.57
C ILE B 213 -5.09 -5.29 -35.39
N GLU B 214 -3.86 -4.75 -35.30
CA GLU B 214 -2.71 -5.38 -35.93
C GLU B 214 -2.55 -6.84 -35.47
N MET B 215 -2.78 -7.09 -34.19
CA MET B 215 -2.64 -8.45 -33.68
CA MET B 215 -2.65 -8.45 -33.69
C MET B 215 -3.80 -9.34 -34.16
N ALA B 216 -4.98 -8.73 -34.38
CA ALA B 216 -6.10 -9.50 -34.91
C ALA B 216 -5.89 -9.81 -36.37
N GLN B 217 -5.22 -8.93 -37.11
CA GLN B 217 -5.20 -8.99 -38.56
C GLN B 217 -3.78 -9.11 -39.13
N ILE B 218 -2.77 -9.37 -38.28
CA ILE B 218 -1.38 -9.54 -38.71
C ILE B 218 -0.75 -8.20 -39.12
N GLU B 219 -1.45 -7.41 -39.96
CA GLU B 219 -0.97 -6.10 -40.38
C GLU B 219 -1.89 -5.00 -39.84
N PRO B 220 -1.36 -3.81 -39.57
CA PRO B 220 -2.18 -2.73 -39.00
C PRO B 220 -3.15 -2.19 -40.02
N PRO B 221 -4.16 -1.44 -39.58
CA PRO B 221 -5.05 -0.73 -40.52
C PRO B 221 -4.25 0.14 -41.48
N HIS B 222 -4.71 0.20 -42.72
CA HIS B 222 -4.18 1.00 -43.82
C HIS B 222 -2.87 0.47 -44.38
N HIS B 223 -2.43 -0.74 -43.99
CA HIS B 223 -1.18 -1.30 -44.50
C HIS B 223 -1.21 -1.51 -46.01
N GLU B 224 -2.40 -1.68 -46.60
CA GLU B 224 -2.49 -1.90 -48.04
C GLU B 224 -2.42 -0.60 -48.84
N LEU B 225 -2.51 0.56 -48.20
CA LEU B 225 -2.51 1.81 -48.95
C LEU B 225 -1.10 2.20 -49.36
N ASN B 226 -1.01 3.04 -50.39
CA ASN B 226 0.23 3.77 -50.62
C ASN B 226 0.63 4.44 -49.30
N PRO B 227 1.83 4.19 -48.78
CA PRO B 227 2.22 4.79 -47.49
C PRO B 227 2.04 6.31 -47.47
N MET B 228 2.20 6.96 -48.63
CA MET B 228 2.00 8.40 -48.76
C MET B 228 0.62 8.86 -48.31
N ARG B 229 -0.36 7.96 -48.27
CA ARG B 229 -1.72 8.32 -47.88
C ARG B 229 -2.01 8.07 -46.41
N VAL B 230 -1.08 7.49 -45.67
CA VAL B 230 -1.44 6.95 -44.35
C VAL B 230 -1.68 8.07 -43.34
N LEU B 231 -0.81 9.10 -43.30
CA LEU B 231 -1.05 10.18 -42.32
C LEU B 231 -2.40 10.85 -42.60
N LEU B 232 -2.69 11.13 -43.86
CA LEU B 232 -3.96 11.75 -44.21
C LEU B 232 -5.13 10.86 -43.82
N LYS B 233 -5.01 9.56 -44.10
CA LYS B 233 -6.09 8.62 -43.77
C LYS B 233 -6.35 8.62 -42.27
N ILE B 234 -5.29 8.53 -41.48
CA ILE B 234 -5.46 8.54 -40.02
C ILE B 234 -6.19 9.83 -39.60
N ALA B 235 -5.79 10.97 -40.18
CA ALA B 235 -6.36 12.25 -39.74
C ALA B 235 -7.83 12.40 -40.14
N LYS B 236 -8.19 11.98 -41.35
CA LYS B 236 -9.52 12.25 -41.87
C LYS B 236 -10.53 11.11 -41.67
N SER B 237 -10.07 9.87 -41.47
CA SER B 237 -10.99 8.74 -41.46
C SER B 237 -11.60 8.54 -40.09
N ASP B 238 -12.80 7.97 -40.09
CA ASP B 238 -13.33 7.41 -38.86
C ASP B 238 -12.33 6.39 -38.29
N PRO B 239 -12.36 6.17 -36.98
CA PRO B 239 -11.46 5.18 -36.37
C PRO B 239 -11.62 3.82 -37.03
N PRO B 240 -10.53 3.07 -37.22
CA PRO B 240 -10.65 1.76 -37.84
C PRO B 240 -11.40 0.76 -36.96
N THR B 241 -12.06 -0.19 -37.63
CA THR B 241 -12.74 -1.28 -36.95
C THR B 241 -12.22 -2.58 -37.51
N LEU B 242 -12.54 -3.68 -36.83
CA LEU B 242 -12.06 -4.99 -37.24
C LEU B 242 -12.64 -5.38 -38.59
N LEU B 243 -11.76 -5.91 -39.46
CA LEU B 243 -12.17 -6.26 -40.82
C LEU B 243 -13.18 -7.40 -40.85
N THR B 244 -13.04 -8.39 -39.95
CA THR B 244 -13.95 -9.54 -39.94
C THR B 244 -14.71 -9.54 -38.61
N PRO B 245 -15.73 -8.66 -38.47
CA PRO B 245 -16.35 -8.49 -37.16
C PRO B 245 -17.02 -9.75 -36.62
N SER B 246 -17.49 -10.66 -37.49
CA SER B 246 -18.13 -11.87 -36.97
C SER B 246 -17.15 -12.78 -36.23
N LYS B 247 -15.85 -12.60 -36.41
CA LYS B 247 -14.81 -13.39 -35.76
C LYS B 247 -14.56 -12.99 -34.31
N TRP B 248 -15.08 -11.85 -33.87
CA TRP B 248 -14.69 -11.23 -32.62
C TRP B 248 -15.90 -10.91 -31.76
N SER B 249 -15.70 -10.92 -30.44
CA SER B 249 -16.79 -10.71 -29.49
C SER B 249 -17.26 -9.26 -29.50
N VAL B 250 -18.47 -9.03 -28.99
CA VAL B 250 -18.97 -7.66 -28.83
C VAL B 250 -18.07 -6.86 -27.89
N GLU B 251 -17.49 -7.53 -26.88
CA GLU B 251 -16.65 -6.82 -25.93
C GLU B 251 -15.36 -6.33 -26.57
N PHE B 252 -14.77 -7.13 -27.45
CA PHE B 252 -13.59 -6.70 -28.17
C PHE B 252 -13.91 -5.49 -29.05
N ARG B 253 -15.01 -5.56 -29.81
CA ARG B 253 -15.35 -4.47 -30.70
C ARG B 253 -15.71 -3.20 -29.90
N ASP B 254 -16.39 -3.38 -28.76
CA ASP B 254 -16.68 -2.23 -27.90
C ASP B 254 -15.40 -1.62 -27.29
N PHE B 255 -14.47 -2.46 -26.85
CA PHE B 255 -13.20 -1.95 -26.31
C PHE B 255 -12.50 -1.07 -27.34
N LEU B 256 -12.42 -1.54 -28.59
CA LEU B 256 -11.78 -0.75 -29.64
C LEU B 256 -12.52 0.54 -29.90
N LYS B 257 -13.85 0.48 -29.93
CA LYS B 257 -14.63 1.69 -30.19
C LYS B 257 -14.32 2.79 -29.18
N ILE B 258 -14.24 2.45 -27.89
CA ILE B 258 -13.99 3.53 -26.94
CA ILE B 258 -13.99 3.48 -26.89
C ILE B 258 -12.52 3.90 -26.88
N ALA B 259 -11.61 2.94 -27.08
CA ALA B 259 -10.19 3.27 -27.03
C ALA B 259 -9.75 4.06 -28.25
N LEU B 260 -10.30 3.76 -29.43
CA LEU B 260 -9.92 4.49 -30.63
C LEU B 260 -10.78 5.75 -30.81
N ASP B 261 -10.80 6.55 -29.75
CA ASP B 261 -11.44 7.86 -29.73
C ASP B 261 -10.52 8.89 -30.37
N LYS B 262 -11.01 9.59 -31.39
CA LYS B 262 -10.10 10.52 -32.06
C LYS B 262 -9.80 11.73 -31.21
N ASN B 263 -10.67 12.04 -30.26
CA ASN B 263 -10.48 13.19 -29.39
C ASN B 263 -9.63 12.78 -28.19
N PRO B 264 -8.40 13.28 -28.04
CA PRO B 264 -7.57 12.82 -26.91
C PRO B 264 -8.16 13.18 -25.55
N GLU B 265 -9.00 14.21 -25.46
CA GLU B 265 -9.56 14.56 -24.16
C GLU B 265 -10.54 13.51 -23.67
N THR B 266 -11.37 12.95 -24.55
CA THR B 266 -12.36 12.01 -24.07
C THR B 266 -11.87 10.58 -24.15
N ARG B 267 -10.77 10.34 -24.85
CA ARG B 267 -10.21 9.01 -24.91
C ARG B 267 -9.94 8.49 -23.49
N PRO B 268 -10.26 7.23 -23.19
CA PRO B 268 -10.09 6.74 -21.83
C PRO B 268 -8.62 6.54 -21.51
N SER B 269 -8.32 6.59 -20.21
CA SER B 269 -7.01 6.25 -19.71
C SER B 269 -6.83 4.74 -19.68
N ALA B 270 -5.59 4.28 -19.45
CA ALA B 270 -5.39 2.85 -19.31
C ALA B 270 -6.11 2.33 -18.07
N ALA B 271 -6.12 3.11 -17.01
CA ALA B 271 -6.82 2.65 -15.81
C ALA B 271 -8.31 2.46 -16.07
N GLN B 272 -8.92 3.33 -16.86
CA GLN B 272 -10.34 3.16 -17.15
C GLN B 272 -10.57 1.94 -18.03
N LEU B 273 -9.69 1.69 -18.99
CA LEU B 273 -9.85 0.53 -19.86
C LEU B 273 -9.64 -0.79 -19.10
N LEU B 274 -8.89 -0.78 -18.00
CA LEU B 274 -8.74 -2.00 -17.22
C LEU B 274 -10.04 -2.42 -16.58
N GLU B 275 -11.01 -1.54 -16.50
CA GLU B 275 -12.33 -1.91 -16.02
C GLU B 275 -13.23 -2.48 -17.11
N HIS B 276 -12.80 -2.46 -18.37
CA HIS B 276 -13.67 -2.91 -19.45
C HIS B 276 -13.79 -4.43 -19.43
N PRO B 277 -14.99 -4.98 -19.71
CA PRO B 277 -15.15 -6.44 -19.63
C PRO B 277 -14.27 -7.19 -20.61
N PHE B 278 -13.74 -6.53 -21.64
CA PHE B 278 -12.81 -7.21 -22.53
C PHE B 278 -11.58 -7.73 -21.79
N VAL B 279 -11.17 -7.05 -20.70
CA VAL B 279 -9.96 -7.43 -19.98
C VAL B 279 -10.16 -7.54 -18.47
N SER B 280 -11.27 -7.01 -17.94
CA SER B 280 -11.36 -6.85 -16.50
C SER B 280 -11.32 -8.15 -15.72
N SER B 281 -11.69 -9.27 -16.32
CA SER B 281 -11.68 -10.54 -15.62
C SER B 281 -10.59 -11.46 -16.14
N ILE B 282 -9.65 -10.95 -16.93
CA ILE B 282 -8.53 -11.75 -17.40
C ILE B 282 -7.58 -11.93 -16.21
N THR B 283 -7.41 -13.17 -15.72
CA THR B 283 -6.55 -13.44 -14.59
C THR B 283 -5.38 -14.38 -14.90
N SER B 284 -5.33 -15.00 -16.08
CA SER B 284 -4.28 -15.96 -16.41
C SER B 284 -3.66 -15.66 -17.77
N ASN B 285 -2.34 -15.86 -17.89
CA ASN B 285 -1.64 -15.69 -19.15
C ASN B 285 -1.61 -16.99 -19.99
N LYS B 286 -2.42 -17.99 -19.61
CA LYS B 286 -2.36 -19.30 -20.24
C LYS B 286 -2.46 -19.19 -21.77
N ALA B 287 -3.41 -18.39 -22.28
CA ALA B 287 -3.59 -18.28 -23.72
C ALA B 287 -2.30 -17.86 -24.40
N LEU B 288 -1.55 -16.96 -23.77
CA LEU B 288 -0.28 -16.51 -24.32
C LEU B 288 0.78 -17.58 -24.19
N ARG B 289 0.85 -18.21 -23.02
CA ARG B 289 1.78 -19.32 -22.84
C ARG B 289 1.56 -20.39 -23.89
N GLU B 290 0.29 -20.65 -24.22
CA GLU B 290 0.00 -21.62 -25.27
C GLU B 290 0.51 -21.14 -26.62
N LEU B 291 0.36 -19.84 -26.93
CA LEU B 291 0.78 -19.34 -28.24
C LEU B 291 2.30 -19.44 -28.41
N VAL B 292 3.06 -19.12 -27.36
CA VAL B 292 4.52 -19.24 -27.44
C VAL B 292 4.91 -20.69 -27.71
N ALA B 293 4.25 -21.65 -27.05
CA ALA B 293 4.53 -23.06 -27.28
C ALA B 293 4.22 -23.46 -28.72
N GLU B 294 3.19 -22.88 -29.32
CA GLU B 294 2.86 -23.20 -30.71
C GLU B 294 3.90 -22.65 -31.67
N ALA B 295 4.45 -21.47 -31.37
CA ALA B 295 5.50 -20.88 -32.20
C ALA B 295 6.77 -21.71 -32.15
N LYS B 296 7.04 -22.35 -31.00
CA LYS B 296 8.18 -23.25 -30.89
C LYS B 296 7.99 -24.50 -31.76
N ALA B 297 6.75 -24.93 -31.97
CA ALA B 297 6.50 -26.13 -32.76
C ALA B 297 6.79 -25.90 -34.24
N GLU B 298 6.46 -24.72 -34.76
CA GLU B 298 6.69 -24.39 -36.17
C GLU B 298 8.18 -24.42 -36.54
N GLU C 9 -35.66 3.61 2.27
CA GLU C 9 -34.84 3.40 3.46
C GLU C 9 -35.60 2.66 4.55
N HIS C 10 -34.95 1.66 5.13
CA HIS C 10 -35.53 0.83 6.16
C HIS C 10 -35.12 1.27 7.58
N VAL C 11 -34.40 2.38 7.72
CA VAL C 11 -33.91 2.85 9.01
C VAL C 11 -34.83 3.96 9.49
N ARG C 12 -35.29 3.85 10.74
CA ARG C 12 -36.23 4.78 11.33
C ARG C 12 -35.53 5.58 12.41
N ARG C 13 -35.50 6.90 12.24
CA ARG C 13 -34.88 7.85 13.16
C ARG C 13 -35.89 8.41 14.13
N ASP C 14 -37.16 8.07 13.86
CA ASP C 14 -38.35 8.53 14.58
C ASP C 14 -38.47 7.98 16.01
N LEU C 15 -38.33 6.67 16.17
CA LEU C 15 -38.69 5.95 17.39
C LEU C 15 -37.48 5.50 18.20
N ASP C 16 -37.66 5.46 19.52
CA ASP C 16 -36.65 4.89 20.39
C ASP C 16 -36.92 3.39 20.49
N PRO C 17 -35.97 2.53 20.09
CA PRO C 17 -36.29 1.09 20.02
C PRO C 17 -36.58 0.46 21.37
N ASN C 18 -36.08 1.03 22.48
CA ASN C 18 -36.35 0.47 23.80
C ASN C 18 -37.83 0.53 24.18
N GLU C 19 -38.59 1.45 23.58
CA GLU C 19 -40.05 1.46 23.78
C GLU C 19 -40.75 0.34 23.03
N VAL C 20 -40.14 -0.16 21.95
CA VAL C 20 -40.73 -1.23 21.15
C VAL C 20 -40.20 -2.58 21.57
N TRP C 21 -38.89 -2.68 21.82
CA TRP C 21 -38.24 -3.94 22.09
C TRP C 21 -37.65 -3.93 23.49
N GLU C 22 -37.82 -5.04 24.22
CA GLU C 22 -37.20 -5.22 25.52
C GLU C 22 -35.98 -6.11 25.37
N ILE C 23 -34.81 -5.59 25.71
CA ILE C 23 -33.60 -6.40 25.67
C ILE C 23 -33.66 -7.40 26.82
N VAL C 24 -33.50 -8.69 26.50
CA VAL C 24 -33.61 -9.76 27.46
C VAL C 24 -32.31 -10.54 27.62
N GLY C 25 -31.22 -10.09 27.01
CA GLY C 25 -29.98 -10.80 27.17
C GLY C 25 -28.98 -10.43 26.10
N GLU C 26 -27.78 -10.94 26.28
CA GLU C 26 -26.67 -10.73 25.37
C GLU C 26 -26.46 -11.98 24.52
N LEU C 27 -26.50 -11.81 23.20
CA LEU C 27 -26.23 -12.91 22.29
C LEU C 27 -24.77 -12.96 21.84
N GLY C 28 -24.07 -11.83 21.78
CA GLY C 28 -22.68 -11.86 21.38
C GLY C 28 -22.02 -10.50 21.45
N ASP C 29 -20.69 -10.53 21.42
CA ASP C 29 -19.93 -9.30 21.46
C ASP C 29 -18.88 -9.28 20.36
N GLY C 30 -18.49 -8.09 19.96
CA GLY C 30 -17.43 -7.94 18.99
C GLY C 30 -17.03 -6.48 18.83
N ALA C 31 -16.17 -6.24 17.85
CA ALA C 31 -15.70 -4.88 17.57
C ALA C 31 -16.82 -3.97 17.11
N PHE C 32 -17.86 -4.54 16.50
CA PHE C 32 -19.03 -3.81 16.02
C PHE C 32 -20.02 -3.47 17.13
N GLY C 33 -19.65 -3.61 18.40
CA GLY C 33 -20.61 -3.50 19.48
C GLY C 33 -21.19 -4.84 19.90
N LYS C 34 -22.50 -4.88 20.16
CA LYS C 34 -23.10 -6.08 20.73
C LYS C 34 -24.33 -6.48 19.94
N VAL C 35 -24.68 -7.76 20.11
CA VAL C 35 -25.90 -8.36 19.58
C VAL C 35 -26.72 -8.83 20.77
N TYR C 36 -27.97 -8.40 20.83
CA TYR C 36 -28.84 -8.71 21.95
C TYR C 36 -29.98 -9.62 21.52
N LYS C 37 -30.53 -10.32 22.50
CA LYS C 37 -31.85 -10.95 22.34
C LYS C 37 -32.88 -9.93 22.81
N ALA C 38 -33.95 -9.76 22.03
CA ALA C 38 -34.96 -8.76 22.34
C ALA C 38 -36.35 -9.36 22.21
N LYS C 39 -37.26 -8.95 23.08
CA LYS C 39 -38.64 -9.39 23.03
C LYS C 39 -39.53 -8.17 22.81
N ASN C 40 -40.42 -8.26 21.81
CA ASN C 40 -41.34 -7.18 21.51
C ASN C 40 -42.31 -6.97 22.66
N LYS C 41 -42.42 -5.72 23.13
CA LYS C 41 -43.25 -5.48 24.30
C LYS C 41 -44.74 -5.69 24.00
N GLU C 42 -45.15 -5.52 22.74
CA GLU C 42 -46.53 -5.72 22.34
C GLU C 42 -46.80 -7.16 21.89
N THR C 43 -46.10 -7.62 20.84
CA THR C 43 -46.37 -8.95 20.29
C THR C 43 -45.78 -10.06 21.15
N GLY C 44 -44.58 -9.88 21.69
CA GLY C 44 -43.85 -10.96 22.33
C GLY C 44 -42.91 -11.68 21.40
N ALA C 45 -42.90 -11.32 20.12
CA ALA C 45 -41.98 -11.91 19.17
C ALA C 45 -40.54 -11.67 19.60
N LEU C 46 -39.68 -12.62 19.27
CA LEU C 46 -38.27 -12.49 19.63
C LEU C 46 -37.46 -11.98 18.45
N ALA C 47 -36.31 -11.37 18.75
CA ALA C 47 -35.46 -10.84 17.69
C ALA C 47 -34.03 -10.82 18.17
N ALA C 48 -33.10 -10.93 17.23
CA ALA C 48 -31.72 -10.55 17.50
C ALA C 48 -31.63 -9.06 17.21
N ALA C 49 -30.97 -8.32 18.11
CA ALA C 49 -30.85 -6.86 18.00
C ALA C 49 -29.37 -6.53 17.88
N LYS C 50 -28.94 -6.21 16.67
CA LYS C 50 -27.58 -5.79 16.40
C LYS C 50 -27.51 -4.29 16.63
N VAL C 51 -26.78 -3.86 17.65
CA VAL C 51 -26.71 -2.45 18.05
C VAL C 51 -25.31 -1.91 17.78
N ILE C 52 -25.24 -0.84 16.98
CA ILE C 52 -23.98 -0.23 16.60
C ILE C 52 -24.04 1.23 17.03
N GLU C 53 -23.09 1.65 17.85
CA GLU C 53 -23.02 3.02 18.35
C GLU C 53 -22.09 3.81 17.44
N THR C 54 -22.66 4.79 16.70
CA THR C 54 -21.84 5.60 15.80
C THR C 54 -22.57 6.91 15.46
N LYS C 55 -21.78 7.89 15.03
CA LYS C 55 -22.32 9.15 14.53
C LYS C 55 -21.50 9.67 13.35
N GLU C 57 -23.53 10.64 11.16
CA GLU C 57 -23.84 9.99 9.90
C GLU C 57 -22.58 9.33 9.31
N GLU C 58 -22.62 9.10 8.00
CA GLU C 58 -21.50 8.57 7.21
C GLU C 58 -21.15 7.15 7.63
N GLU C 59 -20.87 6.94 8.93
CA GLU C 59 -20.54 5.60 9.38
C GLU C 59 -21.72 4.64 9.22
N LEU C 60 -22.94 5.17 9.27
CA LEU C 60 -24.13 4.37 9.08
C LEU C 60 -24.16 3.72 7.70
N GLU C 61 -23.51 4.35 6.70
CA GLU C 61 -23.45 3.80 5.35
C GLU C 61 -22.86 2.40 5.31
N ASP C 62 -21.78 2.18 6.06
CA ASP C 62 -21.12 0.88 6.05
C ASP C 62 -22.07 -0.23 6.48
N TYR C 63 -22.98 0.06 7.43
CA TYR C 63 -23.89 -0.93 7.97
C TYR C 63 -25.25 -0.99 7.28
N ILE C 64 -25.69 0.11 6.64
CA ILE C 64 -27.01 0.10 6.00
C ILE C 64 -27.06 -0.85 4.80
N VAL C 65 -25.93 -1.16 4.18
CA VAL C 65 -25.95 -2.17 3.11
C VAL C 65 -26.42 -3.51 3.66
N GLU C 66 -26.05 -3.83 4.90
CA GLU C 66 -26.52 -5.08 5.50
C GLU C 66 -28.04 -5.09 5.58
N ILE C 67 -28.63 -3.96 5.96
CA ILE C 67 -30.09 -3.84 5.95
C ILE C 67 -30.63 -4.07 4.53
N GLU C 68 -29.99 -3.49 3.48
CA GLU C 68 -30.47 -3.83 2.12
C GLU C 68 -30.43 -5.28 1.81
N ILE C 69 -29.37 -5.94 2.18
CA ILE C 69 -29.27 -7.35 1.83
C ILE C 69 -30.40 -8.11 2.47
N LEU C 70 -30.61 -7.92 3.78
CA LEU C 70 -31.64 -8.68 4.47
C LEU C 70 -33.03 -8.32 3.95
N ALA C 71 -33.26 -7.04 3.63
CA ALA C 71 -34.57 -6.61 3.15
C ALA C 71 -34.88 -7.19 1.78
N THR C 72 -33.85 -7.40 0.96
CA THR C 72 -33.96 -7.92 -0.40
C THR C 72 -34.18 -9.43 -0.42
N CYS C 73 -33.73 -10.16 0.61
CA CYS C 73 -33.73 -11.62 0.63
C CYS C 73 -34.98 -12.16 1.30
N ASP C 74 -35.98 -12.54 0.51
CA ASP C 74 -37.06 -13.34 1.04
C ASP C 74 -36.81 -14.75 0.54
N HIS C 75 -35.89 -15.41 1.21
CA HIS C 75 -35.67 -16.83 1.10
C HIS C 75 -35.81 -17.42 2.49
N PRO C 76 -36.42 -18.58 2.65
CA PRO C 76 -36.63 -19.10 4.00
C PRO C 76 -35.34 -19.43 4.74
N TYR C 77 -34.24 -19.75 4.05
CA TYR C 77 -33.01 -20.16 4.73
C TYR C 77 -32.04 -18.96 4.99
N ILE C 78 -32.54 -17.74 4.92
CA ILE C 78 -31.78 -16.55 5.26
CA ILE C 78 -31.80 -16.53 5.24
C ILE C 78 -32.55 -15.79 6.34
N VAL C 79 -31.83 -15.31 7.36
CA VAL C 79 -32.48 -14.57 8.44
C VAL C 79 -33.23 -13.37 7.88
N LYS C 80 -34.44 -13.13 8.42
CA LYS C 80 -35.31 -12.05 7.98
C LYS C 80 -34.99 -10.74 8.69
N LEU C 81 -35.12 -9.64 7.96
CA LEU C 81 -35.06 -8.30 8.54
C LEU C 81 -36.40 -8.01 9.22
N LEU C 82 -36.37 -7.70 10.51
CA LEU C 82 -37.59 -7.34 11.22
C LEU C 82 -37.80 -5.85 11.30
N GLY C 83 -36.73 -5.08 11.26
CA GLY C 83 -36.82 -3.64 11.34
C GLY C 83 -35.46 -3.06 11.66
N ALA C 84 -35.37 -1.74 11.55
CA ALA C 84 -34.11 -1.06 11.82
C ALA C 84 -34.42 0.33 12.35
N TYR C 85 -33.59 0.80 13.28
CA TYR C 85 -33.74 2.12 13.89
C TYR C 85 -32.39 2.80 14.00
N TYR C 86 -32.41 4.13 13.96
CA TYR C 86 -31.26 4.93 14.36
C TYR C 86 -31.75 5.95 15.39
N HIS C 87 -31.33 5.80 16.64
CA HIS C 87 -31.72 6.72 17.69
C HIS C 87 -30.62 6.84 18.72
N ASP C 88 -30.51 8.02 19.33
CA ASP C 88 -29.46 8.28 20.32
C ASP C 88 -28.08 7.87 19.83
N GLY C 89 -27.81 8.11 18.56
CA GLY C 89 -26.52 7.74 18.00
C GLY C 89 -26.26 6.24 17.90
N LYS C 90 -27.29 5.42 17.89
CA LYS C 90 -27.08 3.98 17.77
C LYS C 90 -27.94 3.46 16.65
N LEU C 91 -27.38 2.62 15.80
CA LEU C 91 -28.15 1.94 14.77
C LEU C 91 -28.54 0.56 15.30
N TRP C 92 -29.85 0.27 15.29
CA TRP C 92 -30.42 -1.02 15.68
C TRP C 92 -30.88 -1.77 14.44
N ILE C 93 -30.35 -2.98 14.23
CA ILE C 93 -30.80 -3.89 13.19
C ILE C 93 -31.52 -5.06 13.84
N MET C 94 -32.83 -5.15 13.63
CA MET C 94 -33.67 -6.18 14.22
C MET C 94 -33.80 -7.35 13.24
N ILE C 95 -33.37 -8.53 13.67
CA ILE C 95 -33.28 -9.68 12.79
C ILE C 95 -34.01 -10.86 13.42
N GLU C 96 -34.54 -11.71 12.55
CA GLU C 96 -35.17 -12.96 12.96
C GLU C 96 -34.30 -13.71 13.96
N PHE C 97 -34.90 -14.06 15.09
CA PHE C 97 -34.21 -14.81 16.13
C PHE C 97 -34.44 -16.31 15.91
N CYS C 98 -33.35 -17.09 16.03
CA CYS C 98 -33.43 -18.54 15.83
C CYS C 98 -33.18 -19.26 17.15
N PRO C 99 -34.23 -19.78 17.79
CA PRO C 99 -34.06 -20.38 19.12
C PRO C 99 -33.16 -21.60 19.14
N GLY C 100 -32.94 -22.26 18.00
CA GLY C 100 -31.98 -23.35 18.00
C GLY C 100 -30.54 -22.92 18.18
N GLY C 101 -30.23 -21.64 17.94
CA GLY C 101 -28.87 -21.17 18.08
C GLY C 101 -28.00 -21.58 16.90
N ALA C 102 -26.72 -21.24 17.03
CA ALA C 102 -25.75 -21.48 15.98
C ALA C 102 -25.21 -22.93 16.05
N VAL C 103 -24.78 -23.44 14.90
CA VAL C 103 -24.36 -24.86 14.86
C VAL C 103 -23.09 -25.08 15.68
N ASP C 104 -22.15 -24.13 15.68
CA ASP C 104 -20.94 -24.35 16.48
C ASP C 104 -21.30 -24.44 17.97
N ALA C 105 -22.28 -23.66 18.42
CA ALA C 105 -22.67 -23.71 19.82
C ALA C 105 -23.34 -25.04 20.16
N ILE C 106 -24.12 -25.60 19.23
CA ILE C 106 -24.76 -26.89 19.47
C ILE C 106 -23.71 -27.99 19.62
N MET C 107 -22.65 -27.95 18.81
CA MET C 107 -21.61 -28.96 18.91
C MET C 107 -20.88 -28.87 20.23
N LEU C 108 -20.63 -27.65 20.71
CA LEU C 108 -19.98 -27.51 22.00
C LEU C 108 -20.89 -27.95 23.14
N GLU C 109 -22.18 -27.61 23.06
CA GLU C 109 -23.11 -28.02 24.11
C GLU C 109 -23.22 -29.53 24.19
N LEU C 110 -23.24 -30.21 23.03
CA LEU C 110 -23.33 -31.67 23.01
C LEU C 110 -21.97 -32.35 23.06
N ASP C 111 -20.88 -31.58 22.91
CA ASP C 111 -19.54 -32.15 22.90
C ASP C 111 -19.36 -33.20 21.79
N ARG C 112 -19.89 -32.91 20.59
CA ARG C 112 -19.71 -33.80 19.46
C ARG C 112 -20.03 -33.06 18.18
N GLY C 113 -19.57 -33.61 17.05
CA GLY C 113 -19.89 -33.07 15.75
C GLY C 113 -21.27 -33.54 15.30
N LEU C 114 -21.72 -33.02 14.15
CA LEU C 114 -23.00 -33.50 13.62
C LEU C 114 -22.80 -34.88 12.99
N THR C 115 -23.89 -35.64 12.94
CA THR C 115 -23.88 -36.89 12.15
C THR C 115 -23.87 -36.57 10.65
N GLU C 116 -23.55 -37.54 9.81
CA GLU C 116 -23.60 -37.28 8.37
C GLU C 116 -25.00 -36.90 7.88
N PRO C 117 -26.10 -37.58 8.28
CA PRO C 117 -27.44 -37.09 7.85
C PRO C 117 -27.74 -35.68 8.30
N GLN C 118 -27.27 -35.29 9.48
CA GLN C 118 -27.46 -33.91 9.90
C GLN C 118 -26.66 -32.96 9.02
N ILE C 119 -25.43 -33.32 8.69
CA ILE C 119 -24.61 -32.50 7.82
C ILE C 119 -25.25 -32.39 6.43
N GLN C 120 -25.86 -33.49 5.96
CA GLN C 120 -26.50 -33.47 4.66
C GLN C 120 -27.64 -32.45 4.61
N VAL C 121 -28.43 -32.36 5.68
CA VAL C 121 -29.51 -31.38 5.68
C VAL C 121 -28.96 -29.97 5.68
N VAL C 122 -27.97 -29.70 6.55
CA VAL C 122 -27.34 -28.39 6.56
C VAL C 122 -26.77 -28.07 5.19
N CYS C 123 -26.03 -29.04 4.62
CA CYS C 123 -25.38 -28.79 3.35
C CYS C 123 -26.41 -28.49 2.25
N ARG C 124 -27.47 -29.28 2.19
CA ARG C 124 -28.52 -29.05 1.22
C ARG C 124 -29.13 -27.65 1.40
N GLN C 125 -29.44 -27.28 2.64
CA GLN C 125 -30.11 -26.01 2.83
C GLN C 125 -29.15 -24.85 2.60
N MET C 126 -27.87 -25.03 2.91
CA MET C 126 -26.89 -23.97 2.62
CA MET C 126 -26.88 -23.98 2.62
C MET C 126 -26.75 -23.74 1.13
N LEU C 127 -26.71 -24.82 0.35
CA LEU C 127 -26.57 -24.70 -1.10
C LEU C 127 -27.75 -23.96 -1.70
N GLU C 128 -28.97 -24.27 -1.24
CA GLU C 128 -30.13 -23.55 -1.73
C GLU C 128 -30.08 -22.08 -1.35
N ALA C 129 -29.64 -21.77 -0.13
CA ALA C 129 -29.51 -20.37 0.25
C ALA C 129 -28.46 -19.67 -0.59
N LEU C 130 -27.31 -20.32 -0.80
CA LEU C 130 -26.23 -19.72 -1.58
C LEU C 130 -26.63 -19.58 -3.04
N ASN C 131 -27.33 -20.58 -3.58
CA ASN C 131 -27.82 -20.48 -4.95
C ASN C 131 -28.70 -19.24 -5.09
N PHE C 132 -29.57 -19.00 -4.11
CA PHE C 132 -30.40 -17.79 -4.14
C PHE C 132 -29.57 -16.51 -4.03
N LEU C 133 -28.64 -16.48 -3.06
CA LEU C 133 -27.82 -15.29 -2.84
C LEU C 133 -26.96 -14.97 -4.06
N HIS C 134 -26.24 -15.97 -4.58
CA HIS C 134 -25.38 -15.71 -5.71
C HIS C 134 -26.19 -15.31 -6.94
N SER C 135 -27.41 -15.83 -7.08
CA SER C 135 -28.22 -15.38 -8.20
C SER C 135 -28.61 -13.91 -8.06
N LYS C 136 -28.58 -13.33 -6.85
CA LYS C 136 -28.81 -11.92 -6.65
C LYS C 136 -27.51 -11.12 -6.58
N ARG C 137 -26.40 -11.73 -7.02
CA ARG C 137 -25.06 -11.14 -6.94
C ARG C 137 -24.70 -10.70 -5.52
N ILE C 138 -25.09 -11.51 -4.54
CA ILE C 138 -24.69 -11.35 -3.16
C ILE C 138 -23.72 -12.46 -2.78
N ILE C 139 -22.55 -12.10 -2.26
CA ILE C 139 -21.61 -13.06 -1.68
C ILE C 139 -21.63 -12.88 -0.18
N HIS C 140 -21.77 -13.98 0.56
CA HIS C 140 -21.83 -13.90 2.03
C HIS C 140 -20.46 -13.55 2.62
N ARG C 141 -19.43 -14.28 2.20
CA ARG C 141 -18.02 -14.09 2.52
C ARG C 141 -17.63 -14.43 3.96
N ASP C 142 -18.56 -14.85 4.79
CA ASP C 142 -18.20 -15.20 6.17
C ASP C 142 -18.94 -16.47 6.62
N LEU C 143 -19.03 -17.44 5.73
CA LEU C 143 -19.70 -18.68 6.11
C LEU C 143 -18.83 -19.46 7.09
N LYS C 144 -19.48 -20.03 8.10
CA LYS C 144 -18.85 -20.87 9.11
C LYS C 144 -20.00 -21.40 9.94
N ALA C 145 -19.72 -22.43 10.76
CA ALA C 145 -20.81 -23.03 11.53
C ALA C 145 -21.43 -22.02 12.50
N GLY C 146 -20.63 -21.08 13.03
CA GLY C 146 -21.17 -20.04 13.88
C GLY C 146 -22.17 -19.13 13.18
N ASN C 147 -22.20 -19.14 11.86
CA ASN C 147 -23.17 -18.32 11.13
C ASN C 147 -24.28 -19.12 10.50
N VAL C 148 -24.42 -20.40 10.89
CA VAL C 148 -25.55 -21.23 10.50
C VAL C 148 -26.42 -21.39 11.74
N LEU C 149 -27.60 -20.76 11.74
CA LEU C 149 -28.55 -20.83 12.84
C LEU C 149 -29.58 -21.93 12.58
N MET C 150 -30.16 -22.44 13.65
N MET C 150 -30.15 -22.45 13.66
CA MET C 150 -31.18 -23.48 13.55
CA MET C 150 -31.17 -23.49 13.63
C MET C 150 -32.49 -22.99 14.15
C MET C 150 -32.49 -22.95 14.15
N THR C 151 -33.58 -23.30 13.48
CA THR C 151 -34.91 -23.08 14.02
C THR C 151 -35.35 -24.35 14.75
N LEU C 152 -36.42 -24.24 15.54
CA LEU C 152 -36.91 -25.43 16.22
C LEU C 152 -37.55 -26.42 15.25
N GLU C 153 -37.93 -26.00 14.05
CA GLU C 153 -38.51 -26.94 13.09
C GLU C 153 -37.45 -27.73 12.33
N GLY C 154 -36.18 -27.47 12.57
CA GLY C 154 -35.12 -28.19 11.92
C GLY C 154 -34.60 -27.59 10.63
N ASP C 155 -34.85 -26.31 10.39
CA ASP C 155 -34.30 -25.63 9.23
C ASP C 155 -33.16 -24.72 9.68
N ILE C 156 -32.27 -24.41 8.74
CA ILE C 156 -31.18 -23.47 9.02
C ILE C 156 -31.63 -22.08 8.62
N ARG C 157 -30.87 -21.09 9.10
CA ARG C 157 -30.90 -19.74 8.56
C ARG C 157 -29.45 -19.28 8.50
N LEU C 158 -29.01 -18.84 7.31
CA LEU C 158 -27.72 -18.16 7.22
C LEU C 158 -27.80 -16.83 7.94
N ALA C 159 -26.75 -16.50 8.69
CA ALA C 159 -26.76 -15.31 9.50
C ALA C 159 -25.46 -14.53 9.31
N ASP C 160 -25.44 -13.34 9.94
CA ASP C 160 -24.34 -12.39 9.95
C ASP C 160 -23.89 -12.00 8.55
N PHE C 161 -24.64 -11.08 7.94
CA PHE C 161 -24.24 -10.50 6.66
C PHE C 161 -23.43 -9.24 6.84
N GLY C 162 -22.76 -9.09 7.99
CA GLY C 162 -21.98 -7.89 8.24
C GLY C 162 -20.83 -7.75 7.27
N VAL C 163 -20.13 -8.85 7.00
CA VAL C 163 -19.03 -8.81 6.02
C VAL C 163 -19.52 -8.93 4.58
N SER C 164 -20.80 -9.21 4.37
CA SER C 164 -21.27 -9.55 3.03
C SER C 164 -21.08 -8.45 1.98
N ALA C 165 -20.61 -8.89 0.80
CA ALA C 165 -20.46 -8.06 -0.39
C ALA C 165 -21.71 -8.10 -1.27
N LYS C 166 -22.27 -6.93 -1.56
CA LYS C 166 -23.28 -6.74 -2.59
C LYS C 166 -22.56 -6.21 -3.83
N ASN C 167 -22.68 -6.90 -4.97
CA ASN C 167 -21.96 -6.52 -6.17
C ASN C 167 -22.86 -5.81 -7.16
N LEU C 168 -22.29 -4.82 -7.85
CA LEU C 168 -23.06 -4.04 -8.81
C LEU C 168 -23.29 -4.84 -10.09
N LYS C 169 -22.22 -5.44 -10.63
CA LYS C 169 -22.26 -6.20 -11.88
C LYS C 169 -22.23 -7.71 -11.65
N TPO C 170 -22.44 -8.48 -12.72
CA TPO C 170 -22.46 -9.94 -12.64
CB TPO C 170 -23.11 -10.53 -13.91
CG2 TPO C 170 -23.22 -12.06 -13.77
OG1 TPO C 170 -24.36 -9.89 -14.28
P TPO C 170 -25.62 -10.07 -13.28
O1P TPO C 170 -25.32 -9.64 -11.73
O2P TPO C 170 -26.16 -11.60 -13.29
O3P TPO C 170 -26.71 -9.21 -13.80
C TPO C 170 -21.09 -10.53 -12.46
O TPO C 170 -20.83 -11.25 -11.49
N LEU C 171 -20.18 -10.21 -13.38
CA LEU C 171 -18.84 -10.74 -13.34
C LEU C 171 -17.94 -9.80 -12.52
N GLN C 172 -18.45 -9.37 -11.37
CA GLN C 172 -17.69 -8.51 -10.47
C GLN C 172 -16.78 -9.37 -9.61
N LYS C 173 -15.52 -8.98 -9.53
CA LYS C 173 -14.57 -9.72 -8.73
C LYS C 173 -13.99 -8.77 -7.70
N ARG C 174 -13.41 -9.35 -6.66
CA ARG C 174 -13.19 -8.60 -5.43
C ARG C 174 -11.80 -8.90 -4.85
N ASP C 175 -11.22 -7.89 -4.21
CA ASP C 175 -9.92 -8.06 -3.59
C ASP C 175 -9.95 -7.73 -2.08
N SEP C 176 -11.15 -7.52 -1.53
CA SEP C 176 -11.30 -7.10 -0.12
CB SEP C 176 -12.75 -6.54 0.14
OG SEP C 176 -13.57 -6.11 -1.08
C SEP C 176 -10.92 -8.31 0.82
O SEP C 176 -11.53 -9.39 0.77
P SEP C 176 -15.05 -5.70 -0.51
O1P SEP C 176 -15.62 -6.60 0.75
O2P SEP C 176 -14.87 -4.12 -0.09
O3P SEP C 176 -16.43 -5.70 -1.54
N PHE C 177 -9.83 -8.20 1.58
CA PHE C 177 -9.36 -9.30 2.50
C PHE C 177 -10.27 -9.40 3.73
N ILE C 178 -11.15 -10.41 3.76
CA ILE C 178 -12.25 -10.35 4.71
C ILE C 178 -12.81 -11.75 4.95
N GLY C 179 -13.40 -11.94 6.12
CA GLY C 179 -13.97 -13.19 6.58
C GLY C 179 -13.23 -13.68 7.81
N THR C 180 -13.46 -14.92 8.13
CA THR C 180 -12.72 -15.49 9.25
C THR C 180 -11.65 -16.43 8.70
N PRO C 181 -10.39 -16.27 9.12
CA PRO C 181 -9.28 -16.89 8.39
CA PRO C 181 -9.28 -16.89 8.38
C PRO C 181 -9.46 -18.37 8.11
N TYR C 182 -10.01 -19.14 9.05
CA TYR C 182 -10.00 -20.59 8.82
C TYR C 182 -10.84 -20.95 7.62
N TRP C 183 -11.85 -20.16 7.30
CA TRP C 183 -12.81 -20.52 6.25
C TRP C 183 -12.53 -19.83 4.93
N MET C 184 -11.46 -19.02 4.85
CA MET C 184 -11.21 -18.22 3.65
CA MET C 184 -11.20 -18.21 3.66
C MET C 184 -10.70 -19.06 2.49
N ALA C 185 -11.27 -18.82 1.32
CA ALA C 185 -10.84 -19.53 0.12
C ALA C 185 -9.40 -19.15 -0.24
N PRO C 186 -8.66 -20.06 -0.86
CA PRO C 186 -7.26 -19.77 -1.19
C PRO C 186 -7.10 -18.58 -2.12
N GLU C 187 -8.04 -18.35 -3.06
CA GLU C 187 -7.94 -17.16 -3.92
C GLU C 187 -8.17 -15.86 -3.12
N VAL C 188 -8.94 -15.92 -2.04
CA VAL C 188 -9.07 -14.72 -1.23
C VAL C 188 -7.81 -14.50 -0.40
N VAL C 189 -7.27 -15.59 0.14
CA VAL C 189 -6.01 -15.53 0.86
C VAL C 189 -4.92 -14.93 -0.02
N MET C 190 -4.82 -15.38 -1.28
CA MET C 190 -3.73 -14.95 -2.15
C MET C 190 -3.98 -13.60 -2.80
N CYS C 191 -5.09 -12.93 -2.55
CA CYS C 191 -5.44 -11.73 -3.31
C CYS C 191 -5.07 -10.46 -2.54
N GLU C 192 -4.15 -9.69 -3.07
CA GLU C 192 -3.87 -8.38 -2.49
C GLU C 192 -4.48 -7.23 -3.28
N TPO C 193 -4.74 -7.45 -4.55
CA TPO C 193 -5.25 -6.40 -5.42
CB TPO C 193 -4.10 -5.52 -5.97
CG2 TPO C 193 -2.88 -6.37 -6.34
OG1 TPO C 193 -4.53 -4.79 -7.12
P TPO C 193 -4.98 -3.30 -6.71
O1P TPO C 193 -6.19 -3.33 -5.64
O2P TPO C 193 -5.45 -2.56 -7.91
O3P TPO C 193 -3.69 -2.54 -6.08
C TPO C 193 -6.08 -6.98 -6.56
O TPO C 193 -6.00 -8.17 -6.86
N MET C 194 -6.89 -6.13 -7.17
CA MET C 194 -7.75 -6.54 -8.29
C MET C 194 -6.97 -6.89 -9.57
N LYS C 195 -5.76 -6.34 -9.72
CA LYS C 195 -4.89 -6.60 -10.87
C LYS C 195 -4.20 -7.96 -10.80
N ASP C 196 -4.50 -8.79 -9.80
CA ASP C 196 -3.86 -10.11 -9.67
C ASP C 196 -4.80 -11.07 -8.94
N THR C 197 -5.57 -11.86 -9.71
CA THR C 197 -6.51 -12.90 -9.30
C THR C 197 -7.42 -12.54 -8.12
N PRO C 198 -8.39 -11.62 -8.30
CA PRO C 198 -9.40 -11.42 -7.26
C PRO C 198 -10.41 -12.56 -7.21
N TYR C 199 -11.37 -12.53 -6.28
CA TYR C 199 -12.30 -13.64 -6.06
C TYR C 199 -13.73 -13.20 -6.35
N ASP C 200 -14.66 -14.18 -6.25
CA ASP C 200 -16.07 -14.00 -6.58
C ASP C 200 -16.95 -14.93 -5.73
N TYR C 201 -18.15 -15.22 -6.23
CA TYR C 201 -19.09 -16.03 -5.45
C TYR C 201 -18.56 -17.43 -5.13
N LYS C 202 -17.61 -17.95 -5.91
CA LYS C 202 -17.05 -19.27 -5.65
C LYS C 202 -16.35 -19.34 -4.30
N ALA C 203 -15.90 -18.20 -3.78
CA ALA C 203 -15.27 -18.21 -2.45
C ALA C 203 -16.24 -18.78 -1.40
N ASP C 204 -17.54 -18.49 -1.54
CA ASP C 204 -18.50 -19.03 -0.58
C ASP C 204 -18.55 -20.55 -0.64
N ILE C 205 -18.37 -21.13 -1.83
CA ILE C 205 -18.44 -22.58 -1.98
C ILE C 205 -17.29 -23.24 -1.23
N TRP C 206 -16.09 -22.65 -1.32
CA TRP C 206 -14.97 -23.16 -0.53
C TRP C 206 -15.29 -23.08 0.95
N SER C 207 -15.81 -21.92 1.40
CA SER C 207 -16.11 -21.76 2.82
C SER C 207 -17.16 -22.76 3.28
N LEU C 208 -18.16 -23.02 2.42
CA LEU C 208 -19.13 -24.08 2.69
CA LEU C 208 -19.13 -24.08 2.70
C LEU C 208 -18.42 -25.42 2.94
N GLY C 209 -17.47 -25.76 2.05
CA GLY C 209 -16.71 -26.99 2.24
C GLY C 209 -15.99 -27.06 3.58
N ILE C 210 -15.37 -25.95 3.98
CA ILE C 210 -14.72 -25.92 5.30
C ILE C 210 -15.73 -26.06 6.41
N THR C 211 -16.88 -25.41 6.26
CA THR C 211 -17.93 -25.49 7.26
C THR C 211 -18.40 -26.94 7.47
N LEU C 212 -18.47 -27.73 6.39
CA LEU C 212 -18.89 -29.14 6.56
C LEU C 212 -17.85 -29.91 7.36
N ILE C 213 -16.56 -29.66 7.12
CA ILE C 213 -15.54 -30.34 7.92
C ILE C 213 -15.63 -29.88 9.37
N GLU C 214 -15.84 -28.58 9.58
CA GLU C 214 -16.07 -28.07 10.93
C GLU C 214 -17.24 -28.78 11.60
N MET C 215 -18.35 -29.01 10.88
CA MET C 215 -19.48 -29.67 11.50
CA MET C 215 -19.47 -29.68 11.51
C MET C 215 -19.17 -31.14 11.74
N ALA C 216 -18.34 -31.74 10.88
CA ALA C 216 -17.95 -33.13 11.10
C ALA C 216 -16.99 -33.28 12.29
N GLN C 217 -16.13 -32.29 12.51
CA GLN C 217 -15.01 -32.44 13.43
C GLN C 217 -14.99 -31.41 14.54
N ILE C 218 -16.08 -30.63 14.69
CA ILE C 218 -16.30 -29.59 15.71
C ILE C 218 -15.42 -28.37 15.41
N GLU C 219 -14.13 -28.60 15.09
CA GLU C 219 -13.23 -27.49 14.79
C GLU C 219 -12.88 -27.46 13.32
N PRO C 220 -12.63 -26.29 12.73
CA PRO C 220 -12.24 -26.24 11.33
C PRO C 220 -10.83 -26.75 11.13
N PRO C 221 -10.44 -27.10 9.90
CA PRO C 221 -9.03 -27.43 9.63
C PRO C 221 -8.08 -26.33 10.06
N HIS C 222 -6.91 -26.74 10.57
CA HIS C 222 -5.83 -25.83 11.00
C HIS C 222 -6.18 -25.06 12.27
N HIS C 223 -7.19 -25.50 13.01
CA HIS C 223 -7.57 -24.82 14.24
C HIS C 223 -6.45 -24.77 15.26
N GLU C 224 -5.50 -25.70 15.19
CA GLU C 224 -4.41 -25.71 16.16
C GLU C 224 -3.27 -24.75 15.80
N LEU C 225 -3.25 -24.20 14.59
CA LEU C 225 -2.12 -23.36 14.23
C LEU C 225 -2.24 -21.95 14.82
N ASN C 226 -1.09 -21.30 14.98
CA ASN C 226 -1.06 -19.85 15.12
C ASN C 226 -1.87 -19.23 13.97
N PRO C 227 -2.84 -18.35 14.26
CA PRO C 227 -3.64 -17.75 13.18
C PRO C 227 -2.80 -17.10 12.07
N MET C 228 -1.61 -16.61 12.42
CA MET C 228 -0.73 -16.04 11.40
CA MET C 228 -0.68 -16.06 11.43
C MET C 228 -0.29 -17.11 10.40
N ARG C 229 -0.21 -18.37 10.83
CA ARG C 229 0.16 -19.47 9.94
C ARG C 229 -1.01 -19.98 9.14
N VAL C 230 -2.24 -19.59 9.49
CA VAL C 230 -3.39 -20.20 8.85
C VAL C 230 -3.43 -19.82 7.39
N LEU C 231 -3.27 -18.53 7.09
CA LEU C 231 -3.37 -18.06 5.72
C LEU C 231 -2.30 -18.72 4.86
N LEU C 232 -1.06 -18.78 5.34
CA LEU C 232 -0.03 -19.48 4.60
C LEU C 232 -0.41 -20.95 4.40
N LYS C 233 -0.92 -21.58 5.45
CA LYS C 233 -1.29 -22.99 5.34
C LYS C 233 -2.34 -23.20 4.27
N ILE C 234 -3.39 -22.38 4.27
CA ILE C 234 -4.43 -22.50 3.26
C ILE C 234 -3.84 -22.35 1.85
N ALA C 235 -2.96 -21.36 1.65
CA ALA C 235 -2.44 -21.09 0.31
C ALA C 235 -1.51 -22.21 -0.16
N LYS C 236 -0.67 -22.75 0.74
CA LYS C 236 0.35 -23.68 0.27
C LYS C 236 -0.10 -25.14 0.30
N SER C 237 -1.05 -25.48 1.15
CA SER C 237 -1.40 -26.89 1.39
C SER C 237 -2.42 -27.39 0.40
N ASP C 238 -2.38 -28.70 0.17
CA ASP C 238 -3.49 -29.39 -0.48
C ASP C 238 -4.76 -29.11 0.29
N PRO C 239 -5.91 -29.13 -0.39
CA PRO C 239 -7.19 -28.87 0.30
C PRO C 239 -7.36 -29.86 1.45
N PRO C 240 -8.01 -29.43 2.52
CA PRO C 240 -8.21 -30.36 3.64
C PRO C 240 -9.21 -31.47 3.29
N THR C 241 -9.04 -32.62 3.95
CA THR C 241 -9.93 -33.76 3.83
C THR C 241 -10.36 -34.17 5.24
N LEU C 242 -11.36 -35.05 5.34
CA LEU C 242 -11.82 -35.49 6.65
C LEU C 242 -10.73 -36.30 7.36
N LEU C 243 -10.52 -35.99 8.64
CA LEU C 243 -9.47 -36.65 9.44
C LEU C 243 -9.69 -38.15 9.55
N THR C 244 -10.94 -38.60 9.64
CA THR C 244 -11.28 -40.02 9.86
C THR C 244 -12.13 -40.50 8.70
N PRO C 245 -11.53 -40.79 7.57
CA PRO C 245 -12.35 -41.05 6.36
C PRO C 245 -13.26 -42.27 6.47
N SER C 246 -12.90 -43.26 7.28
CA SER C 246 -13.75 -44.45 7.43
C SER C 246 -15.07 -44.12 8.14
N LYS C 247 -15.19 -42.99 8.79
CA LYS C 247 -16.42 -42.59 9.45
C LYS C 247 -17.47 -42.08 8.45
N TRP C 248 -17.08 -41.75 7.23
CA TRP C 248 -17.92 -40.95 6.37
C TRP C 248 -18.12 -41.67 5.05
N SER C 249 -19.25 -41.37 4.42
CA SER C 249 -19.53 -42.06 3.14
C SER C 249 -18.59 -41.55 2.05
N VAL C 250 -18.44 -42.38 1.01
CA VAL C 250 -17.73 -41.98 -0.20
C VAL C 250 -18.35 -40.71 -0.80
N GLU C 251 -19.69 -40.58 -0.73
CA GLU C 251 -20.34 -39.40 -1.32
C GLU C 251 -19.94 -38.12 -0.59
N PHE C 252 -19.87 -38.17 0.75
CA PHE C 252 -19.42 -37.02 1.53
C PHE C 252 -17.97 -36.64 1.16
N ARG C 253 -17.07 -37.63 1.15
N ARG C 253 -17.08 -37.63 1.14
CA ARG C 253 -15.68 -37.34 0.80
CA ARG C 253 -15.68 -37.35 0.79
C ARG C 253 -15.57 -36.85 -0.65
C ARG C 253 -15.58 -36.85 -0.64
N ASP C 254 -16.34 -37.45 -1.57
CA ASP C 254 -16.36 -36.96 -2.96
C ASP C 254 -16.80 -35.51 -3.02
N PHE C 255 -17.89 -35.18 -2.32
CA PHE C 255 -18.45 -33.84 -2.33
C PHE C 255 -17.44 -32.82 -1.86
N LEU C 256 -16.70 -33.14 -0.78
CA LEU C 256 -15.72 -32.23 -0.23
C LEU C 256 -14.58 -31.99 -1.21
N LYS C 257 -14.09 -33.05 -1.86
CA LYS C 257 -13.01 -32.89 -2.80
C LYS C 257 -13.41 -31.94 -3.95
N ILE C 258 -14.69 -31.97 -4.33
CA ILE C 258 -15.16 -31.14 -5.44
C ILE C 258 -15.36 -29.71 -4.97
N ALA C 259 -16.00 -29.55 -3.81
CA ALA C 259 -16.25 -28.21 -3.29
C ALA C 259 -14.93 -27.52 -2.92
N LEU C 260 -13.95 -28.29 -2.43
CA LEU C 260 -12.64 -27.74 -2.02
C LEU C 260 -11.61 -27.82 -3.13
N ASP C 261 -12.07 -27.52 -4.34
CA ASP C 261 -11.20 -27.34 -5.49
C ASP C 261 -10.49 -26.02 -5.25
N LYS C 262 -9.16 -26.04 -5.23
CA LYS C 262 -8.45 -24.80 -4.94
C LYS C 262 -8.55 -23.83 -6.09
N ASN C 263 -8.83 -24.30 -7.30
CA ASN C 263 -8.97 -23.38 -8.42
C ASN C 263 -10.40 -22.89 -8.48
N PRO C 264 -10.67 -21.61 -8.18
CA PRO C 264 -12.06 -21.15 -8.17
C PRO C 264 -12.73 -21.25 -9.54
N GLU C 265 -11.97 -21.26 -10.63
CA GLU C 265 -12.59 -21.36 -11.95
C GLU C 265 -13.23 -22.73 -12.16
N THR C 266 -12.60 -23.80 -11.67
CA THR C 266 -13.21 -25.11 -11.86
C THR C 266 -14.05 -25.55 -10.65
N ARG C 267 -13.91 -24.85 -9.52
CA ARG C 267 -14.79 -25.12 -8.38
C ARG C 267 -16.25 -24.90 -8.82
N PRO C 268 -17.16 -25.80 -8.48
CA PRO C 268 -18.53 -25.67 -8.97
C PRO C 268 -19.31 -24.61 -8.20
N SER C 269 -20.40 -24.18 -8.83
CA SER C 269 -21.35 -23.28 -8.19
C SER C 269 -22.26 -24.07 -7.23
N ALA C 270 -23.08 -23.33 -6.48
CA ALA C 270 -24.09 -23.98 -5.65
C ALA C 270 -25.07 -24.77 -6.49
N ALA C 271 -25.51 -24.21 -7.61
CA ALA C 271 -26.48 -24.90 -8.44
C ALA C 271 -25.90 -26.21 -8.96
N GLN C 272 -24.60 -26.23 -9.27
CA GLN C 272 -23.98 -27.47 -9.73
C GLN C 272 -23.86 -28.49 -8.61
N LEU C 273 -23.52 -28.04 -7.40
CA LEU C 273 -23.39 -28.97 -6.30
C LEU C 273 -24.74 -29.51 -5.86
N LEU C 274 -25.85 -28.83 -6.15
CA LEU C 274 -27.15 -29.38 -5.78
C LEU C 274 -27.46 -30.67 -6.54
N GLU C 275 -26.74 -30.93 -7.62
CA GLU C 275 -26.92 -32.21 -8.33
C GLU C 275 -26.12 -33.34 -7.70
N HIS C 276 -25.23 -33.03 -6.76
CA HIS C 276 -24.36 -34.09 -6.23
C HIS C 276 -25.18 -35.04 -5.35
N PRO C 277 -24.94 -36.35 -5.43
CA PRO C 277 -25.74 -37.30 -4.64
C PRO C 277 -25.61 -37.14 -3.12
N PHE C 278 -24.59 -36.44 -2.64
CA PHE C 278 -24.55 -36.14 -1.21
C PHE C 278 -25.77 -35.32 -0.77
N VAL C 279 -26.36 -34.54 -1.68
CA VAL C 279 -27.49 -33.72 -1.27
C VAL C 279 -28.72 -33.88 -2.19
N SER C 280 -28.53 -34.46 -3.37
CA SER C 280 -29.58 -34.39 -4.39
C SER C 280 -30.86 -35.14 -4.00
N SER C 281 -30.79 -36.11 -3.10
CA SER C 281 -32.00 -36.81 -2.68
C SER C 281 -32.43 -36.44 -1.27
N ILE C 282 -31.83 -35.41 -0.67
CA ILE C 282 -32.26 -34.95 0.65
C ILE C 282 -33.58 -34.20 0.47
N THR C 283 -34.66 -34.75 1.00
CA THR C 283 -35.96 -34.07 0.93
C THR C 283 -36.57 -33.73 2.28
N SER C 284 -36.01 -34.19 3.39
CA SER C 284 -36.58 -33.99 4.71
C SER C 284 -35.52 -33.47 5.68
N ASN C 285 -35.93 -32.55 6.54
CA ASN C 285 -35.04 -31.99 7.55
C ASN C 285 -35.07 -32.77 8.86
N LYS C 286 -35.61 -34.00 8.84
CA LYS C 286 -35.84 -34.72 10.08
C LYS C 286 -34.56 -34.83 10.91
N ALA C 287 -33.44 -35.18 10.26
CA ALA C 287 -32.19 -35.34 11.00
C ALA C 287 -31.84 -34.08 11.80
N LEU C 288 -32.10 -32.90 11.24
CA LEU C 288 -31.76 -31.66 11.93
CA LEU C 288 -31.76 -31.67 11.94
C LEU C 288 -32.78 -31.35 13.03
N ARG C 289 -34.06 -31.58 12.74
CA ARG C 289 -35.08 -31.44 13.77
C ARG C 289 -34.75 -32.32 14.99
N GLU C 290 -34.27 -33.55 14.75
CA GLU C 290 -33.87 -34.44 15.86
C GLU C 290 -32.68 -33.88 16.63
N LEU C 291 -31.71 -33.30 15.92
CA LEU C 291 -30.55 -32.72 16.57
C LEU C 291 -30.95 -31.55 17.47
N VAL C 292 -31.81 -30.67 16.97
CA VAL C 292 -32.27 -29.53 17.76
C VAL C 292 -33.05 -29.99 18.97
N ALA C 293 -33.96 -30.96 18.79
CA ALA C 293 -34.71 -31.47 19.92
C ALA C 293 -33.77 -32.11 20.95
N GLU C 294 -32.68 -32.72 20.48
CA GLU C 294 -31.74 -33.32 21.43
C GLU C 294 -30.94 -32.24 22.17
N ALA C 295 -30.57 -31.15 21.50
CA ALA C 295 -29.86 -30.08 22.20
C ALA C 295 -30.74 -29.39 23.21
N LYS C 296 -32.05 -29.27 22.95
CA LYS C 296 -32.94 -28.66 23.92
C LYS C 296 -33.10 -29.54 25.17
N ALA C 297 -33.03 -30.86 25.01
CA ALA C 297 -33.20 -31.82 26.11
C ALA C 297 -32.00 -31.84 27.07
N TYR D 8 -11.88 53.25 -2.21
CA TYR D 8 -11.83 51.80 -2.43
C TYR D 8 -13.23 51.20 -2.34
N GLU D 9 -13.52 50.29 -3.28
CA GLU D 9 -14.85 49.70 -3.34
C GLU D 9 -15.14 48.82 -2.12
N HIS D 10 -14.18 48.04 -1.66
CA HIS D 10 -14.46 47.12 -0.56
C HIS D 10 -14.04 47.62 0.82
N VAL D 11 -13.42 48.81 0.92
CA VAL D 11 -12.97 49.31 2.21
C VAL D 11 -13.91 50.41 2.69
N ARG D 12 -14.41 50.28 3.91
CA ARG D 12 -15.37 51.20 4.49
C ARG D 12 -14.67 52.02 5.55
N ARG D 13 -14.68 53.35 5.38
CA ARG D 13 -14.02 54.22 6.34
C ARG D 13 -14.97 54.90 7.31
N ASP D 14 -16.28 54.89 7.03
CA ASP D 14 -17.25 55.58 7.90
C ASP D 14 -17.45 54.86 9.23
N LEU D 15 -17.56 53.53 9.20
CA LEU D 15 -18.05 52.73 10.31
C LEU D 15 -16.92 52.11 11.14
N ASP D 16 -17.14 52.03 12.44
CA ASP D 16 -16.20 51.38 13.34
C ASP D 16 -16.49 49.89 13.37
N PRO D 17 -15.54 49.03 12.99
CA PRO D 17 -15.84 47.60 12.90
C PRO D 17 -16.16 46.95 14.24
N ASN D 18 -15.71 47.54 15.35
CA ASN D 18 -16.01 47.02 16.67
C ASN D 18 -17.49 47.08 17.02
N GLU D 19 -18.24 47.99 16.38
CA GLU D 19 -19.70 48.02 16.55
C GLU D 19 -20.38 46.89 15.80
N VAL D 20 -19.75 46.37 14.75
CA VAL D 20 -20.33 45.28 13.98
C VAL D 20 -19.80 43.93 14.44
N TRP D 21 -18.52 43.87 14.80
CA TRP D 21 -17.85 42.61 15.08
C TRP D 21 -17.34 42.57 16.51
N GLU D 22 -17.53 41.43 17.17
CA GLU D 22 -16.97 41.21 18.50
C GLU D 22 -15.76 40.28 18.37
N ILE D 23 -14.59 40.77 18.79
CA ILE D 23 -13.41 39.92 18.76
C ILE D 23 -13.53 38.89 19.87
N VAL D 24 -13.44 37.61 19.50
CA VAL D 24 -13.61 36.51 20.45
C VAL D 24 -12.36 35.68 20.61
N GLY D 25 -11.25 36.06 19.98
CA GLY D 25 -10.01 35.34 20.18
C GLY D 25 -8.96 35.80 19.20
N GLU D 26 -7.75 35.37 19.45
CA GLU D 26 -6.62 35.67 18.58
C GLU D 26 -6.27 34.40 17.80
N LEU D 27 -6.30 34.48 16.47
CA LEU D 27 -6.00 33.32 15.63
C LEU D 27 -4.54 33.28 15.23
N GLY D 28 -3.87 34.42 15.16
CA GLY D 28 -2.47 34.42 14.82
C GLY D 28 -1.87 35.79 14.99
N ASP D 29 -0.54 35.81 15.09
CA ASP D 29 0.25 37.02 15.26
C ASP D 29 1.43 37.00 14.30
N GLY D 30 1.85 38.21 13.92
CA GLY D 30 3.03 38.36 13.08
C GLY D 30 3.42 39.83 12.96
N ALA D 31 4.42 40.07 12.10
CA ALA D 31 4.89 41.45 11.90
C ALA D 31 3.80 42.32 11.31
N PHE D 32 2.85 41.72 10.61
CA PHE D 32 1.72 42.42 10.00
C PHE D 32 0.62 42.76 10.98
N GLY D 33 0.85 42.64 12.29
CA GLY D 33 -0.27 42.71 13.20
C GLY D 33 -0.85 41.37 13.60
N LYS D 34 -2.18 41.27 13.67
CA LYS D 34 -2.84 40.10 14.21
C LYS D 34 -4.03 39.68 13.36
N VAL D 35 -4.40 38.41 13.52
CA VAL D 35 -5.62 37.85 12.95
C VAL D 35 -6.50 37.40 14.10
N TYR D 36 -7.75 37.87 14.12
CA TYR D 36 -8.67 37.55 15.18
C TYR D 36 -9.80 36.66 14.68
N LYS D 37 -10.42 35.95 15.62
CA LYS D 37 -11.73 35.36 15.41
C LYS D 37 -12.74 36.39 15.84
N ALA D 38 -13.76 36.65 15.00
CA ALA D 38 -14.75 37.69 15.25
C ALA D 38 -16.16 37.14 15.04
N LYS D 39 -17.10 37.58 15.88
CA LYS D 39 -18.49 37.16 15.82
C LYS D 39 -19.37 38.36 15.54
N ASN D 40 -20.23 38.25 14.52
CA ASN D 40 -21.13 39.35 14.18
C ASN D 40 -22.08 39.61 15.34
N LYS D 41 -22.13 40.87 15.79
CA LYS D 41 -22.93 41.16 16.96
C LYS D 41 -24.41 40.99 16.69
N GLU D 42 -24.85 41.16 15.45
CA GLU D 42 -26.27 41.02 15.11
C GLU D 42 -26.62 39.58 14.73
N THR D 43 -25.95 39.05 13.70
CA THR D 43 -26.24 37.70 13.20
C THR D 43 -25.62 36.60 14.04
N GLY D 44 -24.42 36.80 14.57
CA GLY D 44 -23.69 35.71 15.19
C GLY D 44 -22.74 35.00 14.25
N ALA D 45 -22.75 35.33 12.97
CA ALA D 45 -21.85 34.71 12.02
C ALA D 45 -20.40 34.95 12.42
N LEU D 46 -19.55 33.97 12.09
CA LEU D 46 -18.15 34.08 12.45
C LEU D 46 -17.32 34.57 11.26
N ALA D 47 -16.18 35.18 11.57
CA ALA D 47 -15.25 35.66 10.56
C ALA D 47 -13.86 35.67 11.15
N ALA D 48 -12.87 35.51 10.28
CA ALA D 48 -11.49 35.87 10.63
C ALA D 48 -11.27 37.35 10.30
N ALA D 49 -10.63 38.09 11.21
CA ALA D 49 -10.36 39.52 11.01
C ALA D 49 -8.85 39.73 11.04
N LYS D 50 -8.27 39.97 9.86
CA LYS D 50 -6.86 40.35 9.73
C LYS D 50 -6.79 41.86 9.91
N VAL D 51 -6.14 42.30 10.98
CA VAL D 51 -6.10 43.70 11.36
C VAL D 51 -4.67 44.20 11.26
N ILE D 52 -4.48 45.25 10.49
CA ILE D 52 -3.18 45.86 10.26
C ILE D 52 -3.27 47.29 10.76
N GLU D 53 -2.39 47.64 11.69
CA GLU D 53 -2.37 48.96 12.29
C GLU D 53 -1.31 49.78 11.56
N THR D 54 -1.76 50.74 10.76
CA THR D 54 -0.84 51.59 10.02
C THR D 54 -1.58 52.83 9.56
N LYS D 55 -0.84 53.92 9.46
CA LYS D 55 -1.38 55.15 8.91
C LYS D 55 -0.75 55.49 7.56
N SER D 56 0.21 54.71 7.11
CA SER D 56 0.91 55.01 5.87
C SER D 56 0.06 54.56 4.68
N GLU D 57 -0.30 55.51 3.82
CA GLU D 57 -1.00 55.11 2.60
C GLU D 57 -0.14 54.19 1.75
N GLU D 58 1.18 54.25 1.90
CA GLU D 58 2.03 53.28 1.22
C GLU D 58 1.72 51.87 1.71
N GLU D 59 1.73 51.69 3.03
CA GLU D 59 1.50 50.36 3.55
C GLU D 59 0.08 49.88 3.24
N LEU D 60 -0.91 50.78 3.23
CA LEU D 60 -2.29 50.37 2.97
C LEU D 60 -2.47 49.78 1.57
N GLU D 61 -1.73 50.31 0.59
CA GLU D 61 -1.79 49.79 -0.78
C GLU D 61 -1.40 48.32 -0.83
N ASP D 62 -0.33 47.95 -0.13
CA ASP D 62 0.12 46.57 -0.19
C ASP D 62 -0.95 45.61 0.31
N TYR D 63 -1.70 46.01 1.34
CA TYR D 63 -2.69 45.13 1.90
C TYR D 63 -4.03 45.23 1.19
N ILE D 64 -4.30 46.33 0.51
CA ILE D 64 -5.55 46.42 -0.22
C ILE D 64 -5.50 45.52 -1.45
N VAL D 65 -4.30 45.25 -1.98
CA VAL D 65 -4.14 44.31 -3.07
C VAL D 65 -4.63 42.92 -2.65
N GLU D 66 -4.42 42.56 -1.39
CA GLU D 66 -4.92 41.28 -0.87
C GLU D 66 -6.44 41.22 -0.95
N ILE D 67 -7.10 42.33 -0.56
CA ILE D 67 -8.55 42.40 -0.69
C ILE D 67 -8.95 42.22 -2.15
N GLU D 68 -8.18 42.82 -3.06
CA GLU D 68 -8.50 42.74 -4.49
C GLU D 68 -8.44 41.30 -4.99
N ILE D 69 -7.42 40.55 -4.56
CA ILE D 69 -7.28 39.15 -4.94
C ILE D 69 -8.47 38.34 -4.42
N LEU D 70 -8.78 38.50 -3.13
CA LEU D 70 -9.88 37.73 -2.56
C LEU D 70 -11.20 38.09 -3.21
N ALA D 71 -11.39 39.36 -3.57
CA ALA D 71 -12.64 39.80 -4.16
C ALA D 71 -12.86 39.19 -5.54
N THR D 72 -11.78 38.82 -6.24
CA THR D 72 -11.91 38.26 -7.58
C THR D 72 -11.93 36.73 -7.60
N CYS D 73 -11.62 36.07 -6.50
CA CYS D 73 -11.67 34.60 -6.43
C CYS D 73 -13.06 34.17 -5.95
N ASP D 74 -13.86 33.64 -6.86
CA ASP D 74 -15.17 33.10 -6.52
CA ASP D 74 -15.16 33.10 -6.50
C ASP D 74 -15.13 31.58 -6.42
N HIS D 75 -14.00 31.01 -6.22
CA HIS D 75 -13.91 29.56 -6.15
C HIS D 75 -14.22 29.09 -4.74
N PRO D 76 -14.94 27.98 -4.60
CA PRO D 76 -15.29 27.52 -3.24
C PRO D 76 -14.09 27.10 -2.39
N TYR D 77 -12.95 26.68 -2.98
CA TYR D 77 -11.81 26.25 -2.18
C TYR D 77 -10.84 27.39 -1.88
N ILE D 78 -11.30 28.64 -1.98
CA ILE D 78 -10.51 29.80 -1.59
CA ILE D 78 -10.52 29.83 -1.62
C ILE D 78 -11.31 30.58 -0.56
N VAL D 79 -10.65 31.00 0.53
CA VAL D 79 -11.34 31.80 1.54
C VAL D 79 -12.04 32.97 0.87
N LYS D 80 -13.29 33.21 1.26
CA LYS D 80 -14.09 34.29 0.72
C LYS D 80 -13.84 35.58 1.49
N LEU D 81 -13.85 36.70 0.77
CA LEU D 81 -13.82 38.02 1.38
C LEU D 81 -15.21 38.38 1.90
N LEU D 82 -15.32 38.70 3.17
CA LEU D 82 -16.60 39.15 3.72
C LEU D 82 -16.74 40.66 3.75
N GLY D 83 -15.64 41.39 3.77
CA GLY D 83 -15.72 42.84 3.84
C GLY D 83 -14.41 43.40 4.32
N ALA D 84 -14.34 44.73 4.32
CA ALA D 84 -13.13 45.41 4.75
C ALA D 84 -13.48 46.76 5.34
N TYR D 85 -12.68 47.18 6.32
CA TYR D 85 -12.81 48.47 6.96
C TYR D 85 -11.45 49.10 7.18
N TYR D 86 -11.41 50.43 7.15
CA TYR D 86 -10.27 51.20 7.64
C TYR D 86 -10.84 52.20 8.63
N HIS D 87 -10.53 52.02 9.90
CA HIS D 87 -11.01 52.90 10.94
C HIS D 87 -10.00 52.97 12.07
N ASP D 88 -9.92 54.15 12.71
CA ASP D 88 -8.99 54.38 13.82
C ASP D 88 -7.57 53.91 13.50
N GLY D 89 -7.11 54.18 12.29
CA GLY D 89 -5.76 53.79 11.90
C GLY D 89 -5.53 52.31 11.74
N LYS D 90 -6.59 51.53 11.56
CA LYS D 90 -6.43 50.10 11.40
C LYS D 90 -7.19 49.67 10.15
N LEU D 91 -6.57 48.81 9.35
CA LEU D 91 -7.25 48.17 8.23
C LEU D 91 -7.72 46.79 8.70
N TRP D 92 -9.02 46.54 8.60
CA TRP D 92 -9.63 45.24 8.93
C TRP D 92 -10.02 44.54 7.63
N ILE D 93 -9.49 43.35 7.42
CA ILE D 93 -9.90 42.52 6.31
C ILE D 93 -10.71 41.36 6.88
N MET D 94 -12.01 41.34 6.61
CA MET D 94 -12.89 40.30 7.16
C MET D 94 -12.98 39.16 6.16
N ILE D 95 -12.60 37.97 6.60
CA ILE D 95 -12.45 36.79 5.74
C ILE D 95 -13.28 35.67 6.32
N GLU D 96 -13.76 34.80 5.43
CA GLU D 96 -14.45 33.58 5.81
C GLU D 96 -13.69 32.82 6.90
N PHE D 97 -14.39 32.47 7.99
CA PHE D 97 -13.80 31.71 9.07
C PHE D 97 -14.01 30.20 8.85
N CYS D 98 -12.96 29.42 9.05
CA CYS D 98 -13.03 27.97 8.85
C CYS D 98 -12.89 27.26 10.18
N PRO D 99 -13.98 26.73 10.74
CA PRO D 99 -13.94 26.17 12.09
C PRO D 99 -13.06 24.94 12.22
N GLY D 100 -12.79 24.22 11.14
CA GLY D 100 -11.87 23.09 11.24
C GLY D 100 -10.42 23.49 11.49
N GLY D 101 -10.05 24.76 11.24
CA GLY D 101 -8.69 25.19 11.47
C GLY D 101 -7.74 24.74 10.35
N ALA D 102 -6.46 25.02 10.57
CA ALA D 102 -5.42 24.73 9.60
C ALA D 102 -4.96 23.28 9.71
N VAL D 103 -4.52 22.70 8.58
CA VAL D 103 -4.15 21.29 8.60
C VAL D 103 -2.97 21.05 9.53
N ASP D 104 -2.02 21.99 9.57
CA ASP D 104 -0.86 21.75 10.45
C ASP D 104 -1.28 21.72 11.93
N ALA D 105 -2.25 22.54 12.32
CA ALA D 105 -2.70 22.50 13.71
C ALA D 105 -3.44 21.21 13.99
N ILE D 106 -4.18 20.69 13.00
CA ILE D 106 -4.92 19.45 13.21
C ILE D 106 -3.96 18.31 13.45
N MET D 107 -2.85 18.29 12.72
CA MET D 107 -1.85 17.26 12.91
C MET D 107 -1.21 17.35 14.27
N LEU D 108 -0.96 18.57 14.75
CA LEU D 108 -0.35 18.72 16.06
C LEU D 108 -1.32 18.29 17.15
N GLU D 109 -2.60 18.65 17.02
CA GLU D 109 -3.59 18.29 18.04
C GLU D 109 -3.79 16.79 18.14
N LEU D 110 -3.79 16.08 17.00
CA LEU D 110 -3.93 14.63 16.96
C LEU D 110 -2.61 13.90 17.08
N ASP D 111 -1.48 14.61 17.01
CA ASP D 111 -0.15 14.01 17.06
C ASP D 111 0.02 12.93 15.99
N ARG D 112 -0.45 13.22 14.76
CA ARG D 112 -0.30 12.28 13.65
CA ARG D 112 -0.30 12.28 13.65
C ARG D 112 -0.53 13.02 12.34
N GLY D 113 0.08 12.51 11.28
CA GLY D 113 -0.15 13.04 9.97
C GLY D 113 -1.47 12.54 9.43
N LEU D 114 -1.84 13.05 8.25
CA LEU D 114 -3.06 12.59 7.60
C LEU D 114 -2.90 11.20 6.97
N THR D 115 -4.00 10.47 6.87
CA THR D 115 -3.98 9.21 6.10
C THR D 115 -3.87 9.53 4.60
N GLU D 116 -3.48 8.54 3.82
CA GLU D 116 -3.38 8.80 2.38
C GLU D 116 -4.72 9.21 1.77
N PRO D 117 -5.86 8.56 2.06
CA PRO D 117 -7.14 9.07 1.51
C PRO D 117 -7.44 10.50 1.93
N GLN D 118 -7.06 10.90 3.14
CA GLN D 118 -7.22 12.29 3.53
C GLN D 118 -6.32 13.20 2.69
N ILE D 119 -5.07 12.78 2.47
CA ILE D 119 -4.16 13.57 1.65
C ILE D 119 -4.69 13.69 0.24
N GLN D 120 -5.30 12.62 -0.28
CA GLN D 120 -5.84 12.65 -1.65
C GLN D 120 -6.92 13.71 -1.82
N VAL D 121 -7.82 13.84 -0.84
CA VAL D 121 -8.86 14.84 -0.95
C VAL D 121 -8.25 16.24 -0.93
N VAL D 122 -7.33 16.50 0.02
CA VAL D 122 -6.67 17.80 0.08
C VAL D 122 -5.97 18.10 -1.23
N CYS D 123 -5.22 17.12 -1.74
CA CYS D 123 -4.47 17.33 -2.97
C CYS D 123 -5.41 17.64 -4.12
N ARG D 124 -6.50 16.89 -4.23
CA ARG D 124 -7.45 17.09 -5.31
C ARG D 124 -8.00 18.51 -5.26
N GLN D 125 -8.40 18.95 -4.07
CA GLN D 125 -9.04 20.24 -3.93
C GLN D 125 -8.01 21.35 -4.11
N MET D 126 -6.79 21.14 -3.60
CA MET D 126 -5.71 22.10 -3.83
C MET D 126 -5.45 22.28 -5.32
N LEU D 127 -5.34 21.18 -6.05
CA LEU D 127 -5.11 21.26 -7.48
C LEU D 127 -6.23 22.04 -8.17
N GLU D 128 -7.48 21.81 -7.77
CA GLU D 128 -8.57 22.55 -8.39
C GLU D 128 -8.50 24.04 -8.06
N ALA D 129 -8.17 24.38 -6.80
CA ALA D 129 -8.01 25.79 -6.44
C ALA D 129 -6.87 26.44 -7.22
N LEU D 130 -5.72 25.76 -7.33
CA LEU D 130 -4.57 26.32 -8.04
C LEU D 130 -4.86 26.44 -9.53
N ASN D 131 -5.52 25.43 -10.12
CA ASN D 131 -5.91 25.56 -11.52
C ASN D 131 -6.76 26.81 -11.70
N PHE D 132 -7.68 27.06 -10.77
CA PHE D 132 -8.50 28.27 -10.84
C PHE D 132 -7.64 29.54 -10.71
N LEU D 133 -6.77 29.57 -9.70
CA LEU D 133 -5.93 30.74 -9.44
C LEU D 133 -5.01 31.05 -10.62
N HIS D 134 -4.30 30.02 -11.09
CA HIS D 134 -3.35 30.21 -12.17
C HIS D 134 -4.04 30.60 -13.46
N SER D 135 -5.27 30.15 -13.66
CA SER D 135 -6.02 30.62 -14.82
C SER D 135 -6.35 32.10 -14.70
N LYS D 136 -6.39 32.65 -13.49
CA LYS D 136 -6.57 34.09 -13.33
C LYS D 136 -5.25 34.83 -13.16
N ARG D 137 -4.12 34.18 -13.51
CA ARG D 137 -2.77 34.73 -13.30
C ARG D 137 -2.54 35.16 -11.86
N ILE D 138 -3.12 34.45 -10.92
CA ILE D 138 -2.82 34.65 -9.51
C ILE D 138 -1.97 33.48 -9.03
N ILE D 139 -0.80 33.79 -8.46
CA ILE D 139 0.07 32.77 -7.86
C ILE D 139 0.02 32.95 -6.34
N HIS D 140 -0.24 31.86 -5.63
CA HIS D 140 -0.35 31.96 -4.18
C HIS D 140 0.99 32.29 -3.56
N ARG D 141 2.02 31.53 -3.93
CA ARG D 141 3.41 31.71 -3.52
C ARG D 141 3.71 31.35 -2.07
N ASP D 142 2.73 30.93 -1.27
CA ASP D 142 3.04 30.62 0.14
C ASP D 142 2.25 29.40 0.62
N LEU D 143 2.13 28.38 -0.24
CA LEU D 143 1.38 27.18 0.16
C LEU D 143 2.15 26.39 1.22
N LYS D 144 1.41 25.83 2.17
CA LYS D 144 1.95 25.01 3.27
C LYS D 144 0.73 24.52 4.00
N ALA D 145 0.91 23.51 4.86
CA ALA D 145 -0.26 22.95 5.54
C ALA D 145 -0.93 23.99 6.44
N GLY D 146 -0.15 24.93 7.00
CA GLY D 146 -0.72 26.00 7.79
C GLY D 146 -1.64 26.94 7.01
N ASN D 147 -1.58 26.91 5.68
CA ASN D 147 -2.43 27.79 4.89
C ASN D 147 -3.53 26.99 4.19
N VAL D 148 -3.75 25.75 4.61
CA VAL D 148 -4.88 24.95 4.17
C VAL D 148 -5.84 24.82 5.35
N LEU D 149 -6.98 25.48 5.26
CA LEU D 149 -8.02 25.45 6.27
C LEU D 149 -9.06 24.40 5.93
N MET D 150 -9.80 24.01 6.95
CA MET D 150 -10.82 22.96 6.84
CA MET D 150 -10.82 22.96 6.85
C MET D 150 -12.16 23.49 7.30
N THR D 151 -13.21 23.26 6.51
CA THR D 151 -14.58 23.50 6.95
C THR D 151 -15.08 22.26 7.68
N LEU D 152 -16.20 22.39 8.40
CA LEU D 152 -16.77 21.23 9.07
C LEU D 152 -17.38 20.24 8.10
N GLU D 153 -17.62 20.63 6.85
CA GLU D 153 -18.17 19.72 5.87
C GLU D 153 -17.11 18.89 5.17
N GLY D 154 -15.83 19.09 5.46
CA GLY D 154 -14.78 18.29 4.83
C GLY D 154 -14.17 18.86 3.56
N ASP D 155 -14.32 20.16 3.30
CA ASP D 155 -13.62 20.82 2.19
C ASP D 155 -12.50 21.70 2.73
N ILE D 156 -11.53 21.97 1.87
CA ILE D 156 -10.44 22.87 2.22
C ILE D 156 -10.79 24.29 1.76
N ARG D 157 -10.02 25.25 2.27
CA ARG D 157 -9.94 26.61 1.74
C ARG D 157 -8.48 27.00 1.76
N LEU D 158 -7.96 27.45 0.62
CA LEU D 158 -6.64 28.08 0.62
C LEU D 158 -6.73 29.45 1.29
N ALA D 159 -5.74 29.74 2.13
CA ALA D 159 -5.78 30.96 2.91
C ALA D 159 -4.44 31.69 2.82
N ASP D 160 -4.42 32.87 3.44
CA ASP D 160 -3.27 33.77 3.57
C ASP D 160 -2.65 34.15 2.24
N PHE D 161 -3.28 35.10 1.54
CA PHE D 161 -2.76 35.63 0.29
C PHE D 161 -1.86 36.87 0.50
N GLY D 162 -1.27 37.01 1.68
CA GLY D 162 -0.40 38.16 1.95
C GLY D 162 0.82 38.18 1.05
N VAL D 163 1.47 37.03 0.86
CA VAL D 163 2.63 36.99 -0.01
C VAL D 163 2.20 37.10 -1.47
N SER D 164 1.07 36.49 -1.84
CA SER D 164 0.59 36.68 -3.21
C SER D 164 0.37 38.16 -3.50
N ALA D 165 -0.18 38.89 -2.52
CA ALA D 165 -0.48 40.31 -2.73
C ALA D 165 0.78 41.18 -2.74
N LYS D 166 1.84 40.78 -2.03
CA LYS D 166 3.04 41.60 -2.05
C LYS D 166 3.77 41.49 -3.36
N ASN D 167 3.50 40.44 -4.14
CA ASN D 167 4.16 40.20 -5.41
C ASN D 167 3.22 40.33 -6.61
N LEU D 168 2.00 40.84 -6.43
CA LEU D 168 1.03 40.76 -7.51
C LEU D 168 1.36 41.77 -8.61
N LYS D 169 1.64 43.01 -8.25
CA LYS D 169 1.86 44.03 -9.25
C LYS D 169 3.36 44.29 -9.42
N TPO D 170 4.10 44.28 -8.31
CA TPO D 170 5.55 44.47 -8.38
CB TPO D 170 5.94 45.90 -7.94
CG2 TPO D 170 4.72 46.76 -7.64
OG1 TPO D 170 6.78 45.84 -6.79
P TPO D 170 7.80 47.07 -6.84
O1P TPO D 170 7.02 48.47 -6.65
O2P TPO D 170 8.58 47.08 -8.26
O3P TPO D 170 8.80 46.87 -5.77
C TPO D 170 6.22 43.41 -7.51
O TPO D 170 5.86 43.27 -6.33
N LEU D 171 7.18 42.67 -8.07
CA LEU D 171 7.85 41.59 -7.34
C LEU D 171 8.55 42.11 -6.08
N GLN D 172 8.47 41.32 -5.00
CA GLN D 172 9.09 41.65 -3.73
C GLN D 172 10.58 41.33 -3.74
N LYS D 173 11.32 42.00 -2.85
CA LYS D 173 12.72 41.71 -2.64
C LYS D 173 12.92 40.26 -2.23
N ARG D 174 14.02 39.67 -2.67
CA ARG D 174 14.26 38.25 -2.42
C ARG D 174 14.51 37.98 -0.93
N ASP D 175 14.99 38.98 -0.19
CA ASP D 175 15.24 38.83 1.25
C ASP D 175 13.99 38.99 2.09
N SEP D 176 12.90 39.35 1.42
CA SEP D 176 11.66 39.60 2.11
CB SEP D 176 10.89 40.74 1.42
OG SEP D 176 9.80 41.16 2.22
C SEP D 176 10.79 38.34 2.20
O SEP D 176 9.87 38.14 1.41
P SEP D 176 10.07 42.62 2.82
O1P SEP D 176 9.08 42.91 4.06
O2P SEP D 176 11.58 42.76 3.34
O3P SEP D 176 9.82 43.69 1.64
N PHE D 177 11.12 37.49 3.17
CA PHE D 177 10.31 36.31 3.50
C PHE D 177 10.42 36.19 5.01
N ILE D 178 9.36 35.73 5.65
CA ILE D 178 9.30 35.60 7.10
CA ILE D 178 9.34 35.60 7.10
C ILE D 178 9.54 34.14 7.46
N GLY D 179 10.22 33.91 8.60
CA GLY D 179 10.41 32.55 9.03
C GLY D 179 11.26 31.69 8.09
N THR D 180 11.10 30.38 8.22
CA THR D 180 11.89 29.44 7.45
C THR D 180 11.09 28.95 6.25
N PRO D 181 11.53 29.22 4.99
CA PRO D 181 10.70 28.87 3.82
C PRO D 181 10.94 27.45 3.33
N TYR D 182 10.52 26.50 4.16
CA TYR D 182 10.61 25.07 3.82
C TYR D 182 9.93 24.74 2.49
N TRP D 183 8.93 25.53 2.09
CA TRP D 183 8.11 25.15 0.95
C TRP D 183 8.55 25.82 -0.34
N MET D 184 9.66 26.57 -0.31
CA MET D 184 10.07 27.36 -1.47
C MET D 184 10.61 26.49 -2.60
N ALA D 185 10.16 26.78 -3.82
CA ALA D 185 10.64 26.04 -4.97
C ALA D 185 12.11 26.38 -5.22
N PRO D 186 12.89 25.43 -5.72
CA PRO D 186 14.33 25.68 -5.88
C PRO D 186 14.66 26.82 -6.84
N GLU D 187 13.84 27.03 -7.90
CA GLU D 187 14.12 28.14 -8.80
C GLU D 187 13.87 29.46 -8.11
N VAL D 188 12.95 29.49 -7.15
CA VAL D 188 12.72 30.71 -6.39
C VAL D 188 13.84 30.91 -5.38
N VAL D 189 14.27 29.81 -4.74
CA VAL D 189 15.42 29.85 -3.86
C VAL D 189 16.61 30.45 -4.59
N MET D 190 16.82 30.02 -5.82
CA MET D 190 17.97 30.47 -6.58
C MET D 190 17.76 31.89 -7.15
N CYS D 191 16.66 32.55 -6.75
CA CYS D 191 16.24 33.87 -7.24
C CYS D 191 16.47 34.00 -8.71
N GLU D 192 15.64 33.29 -9.47
CA GLU D 192 15.60 33.34 -10.91
C GLU D 192 14.44 34.25 -11.36
N ASP D 196 7.63 37.52 -13.30
CA ASP D 196 7.86 37.86 -14.70
C ASP D 196 8.49 36.69 -15.47
N THR D 197 7.99 35.50 -15.19
CA THR D 197 8.41 34.23 -15.75
C THR D 197 7.23 33.52 -16.42
N PRO D 198 7.46 32.84 -17.55
CA PRO D 198 6.38 31.99 -18.09
C PRO D 198 6.08 30.81 -17.19
N TYR D 199 7.00 30.43 -16.29
CA TYR D 199 6.82 29.29 -15.41
C TYR D 199 6.73 29.76 -13.97
N ASP D 200 6.45 31.05 -13.76
CA ASP D 200 6.32 31.56 -12.39
CA ASP D 200 6.27 31.60 -12.41
C ASP D 200 5.31 30.75 -11.59
N TYR D 201 4.13 30.47 -12.16
CA TYR D 201 3.09 29.73 -11.44
C TYR D 201 3.52 28.32 -11.04
N LYS D 202 4.53 27.74 -11.71
CA LYS D 202 4.97 26.39 -11.33
C LYS D 202 5.51 26.35 -9.91
N ALA D 203 5.91 27.49 -9.34
CA ALA D 203 6.38 27.48 -7.96
C ALA D 203 5.31 26.91 -7.02
N ASP D 204 4.02 27.21 -7.28
CA ASP D 204 2.96 26.69 -6.43
C ASP D 204 2.91 25.16 -6.45
N ILE D 205 3.22 24.54 -7.60
CA ILE D 205 3.18 23.09 -7.74
C ILE D 205 4.25 22.43 -6.89
N TRP D 206 5.47 22.97 -6.91
CA TRP D 206 6.51 22.45 -6.02
C TRP D 206 6.06 22.56 -4.58
N SER D 207 5.54 23.73 -4.18
CA SER D 207 5.12 23.93 -2.79
C SER D 207 3.96 22.97 -2.43
N LEU D 208 3.05 22.73 -3.37
CA LEU D 208 2.04 21.70 -3.16
CA LEU D 208 2.05 21.70 -3.15
C LEU D 208 2.71 20.37 -2.83
N GLY D 209 3.73 19.98 -3.60
CA GLY D 209 4.43 18.73 -3.32
C GLY D 209 4.99 18.69 -1.90
N ILE D 210 5.61 19.79 -1.46
CA ILE D 210 6.15 19.82 -0.09
C ILE D 210 5.03 19.71 0.94
N THR D 211 3.90 20.40 0.70
CA THR D 211 2.79 20.35 1.63
C THR D 211 2.29 18.93 1.78
N LEU D 212 2.27 18.14 0.70
CA LEU D 212 1.81 16.74 0.84
C LEU D 212 2.75 15.96 1.73
N ILE D 213 4.07 16.18 1.58
CA ILE D 213 4.99 15.46 2.47
C ILE D 213 4.76 15.90 3.90
N GLU D 214 4.56 17.21 4.10
CA GLU D 214 4.22 17.75 5.40
C GLU D 214 2.96 17.10 5.99
N MET D 215 1.93 16.90 5.17
CA MET D 215 0.74 16.22 5.66
CA MET D 215 0.75 16.21 5.68
C MET D 215 1.04 14.75 5.91
N ALA D 216 1.91 14.15 5.10
CA ALA D 216 2.25 12.76 5.36
C ALA D 216 3.04 12.61 6.64
N GLN D 217 3.90 13.58 6.96
CA GLN D 217 4.90 13.38 8.02
C GLN D 217 4.85 14.44 9.12
N ILE D 218 3.80 15.26 9.17
CA ILE D 218 3.56 16.31 10.17
C ILE D 218 4.49 17.51 9.94
N GLU D 219 5.78 17.25 9.70
CA GLU D 219 6.73 18.32 9.50
C GLU D 219 7.26 18.32 8.07
N PRO D 220 7.62 19.48 7.51
CA PRO D 220 8.16 19.51 6.15
C PRO D 220 9.58 18.97 6.10
N PRO D 221 10.06 18.63 4.93
CA PRO D 221 11.47 18.25 4.76
C PRO D 221 12.41 19.34 5.25
N HIS D 222 13.53 18.93 5.87
CA HIS D 222 14.59 19.76 6.42
C HIS D 222 14.21 20.47 7.71
N HIS D 223 13.08 20.09 8.33
CA HIS D 223 12.69 20.71 9.60
C HIS D 223 13.72 20.52 10.70
N GLU D 224 14.57 19.50 10.60
CA GLU D 224 15.57 19.23 11.63
C GLU D 224 16.84 20.03 11.43
N LEU D 225 17.01 20.71 10.31
CA LEU D 225 18.26 21.43 10.12
C LEU D 225 18.23 22.75 10.87
N ASN D 226 19.43 23.28 11.14
CA ASN D 226 19.55 24.71 11.43
C ASN D 226 18.86 25.49 10.31
N PRO D 227 17.91 26.36 10.62
CA PRO D 227 17.21 27.10 9.54
C PRO D 227 18.14 27.84 8.59
N MET D 228 19.32 28.25 9.06
CA MET D 228 20.28 28.93 8.19
C MET D 228 20.73 28.08 7.02
N ARG D 229 20.58 26.75 7.12
CA ARG D 229 21.01 25.84 6.08
C ARG D 229 19.90 25.46 5.10
N VAL D 230 18.64 25.84 5.36
CA VAL D 230 17.53 25.25 4.62
C VAL D 230 17.55 25.68 3.16
N LEU D 231 17.78 26.97 2.88
CA LEU D 231 17.70 27.41 1.48
CA LEU D 231 17.71 27.42 1.49
C LEU D 231 18.77 26.74 0.63
N LEU D 232 19.99 26.63 1.15
CA LEU D 232 21.05 25.94 0.44
C LEU D 232 20.69 24.48 0.24
N LYS D 233 20.15 23.86 1.29
CA LYS D 233 19.74 22.46 1.18
C LYS D 233 18.71 22.30 0.06
N ILE D 234 17.71 23.19 0.02
CA ILE D 234 16.70 23.08 -1.04
C ILE D 234 17.35 23.20 -2.42
N ALA D 235 18.30 24.15 -2.57
CA ALA D 235 18.91 24.38 -3.88
C ALA D 235 19.79 23.21 -4.30
N LYS D 236 20.54 22.62 -3.37
CA LYS D 236 21.53 21.64 -3.77
C LYS D 236 21.04 20.19 -3.71
N SER D 237 20.01 19.87 -2.93
CA SER D 237 19.63 18.47 -2.71
C SER D 237 18.73 17.95 -3.80
N ASP D 238 18.79 16.63 -4.00
CA ASP D 238 17.75 15.96 -4.75
C ASP D 238 16.39 16.25 -4.09
N PRO D 239 15.32 16.22 -4.88
CA PRO D 239 14.00 16.50 -4.30
C PRO D 239 13.68 15.58 -3.17
N PRO D 240 12.95 16.03 -2.16
CA PRO D 240 12.63 15.18 -1.02
C PRO D 240 11.68 14.03 -1.40
N THR D 241 11.83 12.90 -0.70
CA THR D 241 10.96 11.74 -0.88
C THR D 241 10.42 11.32 0.48
N LEU D 242 9.39 10.47 0.47
CA LEU D 242 8.76 10.03 1.69
C LEU D 242 9.70 9.12 2.49
N LEU D 243 9.82 9.40 3.78
CA LEU D 243 10.75 8.65 4.66
C LEU D 243 10.43 7.17 4.74
N THR D 244 9.14 6.81 4.73
CA THR D 244 8.72 5.41 4.83
C THR D 244 7.88 5.11 3.60
N PRO D 245 8.53 4.87 2.46
CA PRO D 245 7.79 4.78 1.19
C PRO D 245 6.78 3.63 1.17
N SER D 246 7.03 2.58 1.95
CA SER D 246 6.14 1.43 2.01
C SER D 246 4.78 1.77 2.62
N LYS D 247 4.69 2.89 3.32
CA LYS D 247 3.44 3.33 3.90
C LYS D 247 2.49 3.89 2.85
N TRP D 248 2.98 4.21 1.66
CA TRP D 248 2.24 5.03 0.72
C TRP D 248 2.11 4.31 -0.62
N SER D 249 1.04 4.65 -1.36
CA SER D 249 0.83 3.97 -2.64
C SER D 249 1.92 4.40 -3.63
N VAL D 250 2.12 3.56 -4.64
CA VAL D 250 3.01 3.95 -5.74
C VAL D 250 2.48 5.21 -6.42
N GLU D 251 1.16 5.37 -6.48
CA GLU D 251 0.59 6.54 -7.13
C GLU D 251 0.96 7.81 -6.38
N PHE D 252 0.94 7.77 -5.04
CA PHE D 252 1.35 8.90 -4.24
C PHE D 252 2.84 9.20 -4.47
N ARG D 253 3.70 8.17 -4.39
CA ARG D 253 5.13 8.39 -4.61
C ARG D 253 5.43 8.87 -6.03
N ASP D 254 4.72 8.34 -7.05
CA ASP D 254 4.86 8.87 -8.41
C ASP D 254 4.45 10.34 -8.48
N PHE D 255 3.30 10.67 -7.89
CA PHE D 255 2.80 12.03 -7.94
C PHE D 255 3.81 12.99 -7.32
N LEU D 256 4.37 12.61 -6.19
CA LEU D 256 5.36 13.49 -5.56
C LEU D 256 6.57 13.67 -6.44
N LYS D 257 7.08 12.59 -7.04
CA LYS D 257 8.30 12.74 -7.85
C LYS D 257 8.07 13.72 -9.01
N ILE D 258 6.86 13.73 -9.56
CA ILE D 258 6.55 14.59 -10.70
CA ILE D 258 6.61 14.59 -10.71
C ILE D 258 6.30 16.02 -10.25
N ALA D 259 5.50 16.19 -9.19
CA ALA D 259 5.30 17.54 -8.64
C ALA D 259 6.60 18.17 -8.18
N LEU D 260 7.51 17.36 -7.60
CA LEU D 260 8.79 17.90 -7.09
C LEU D 260 9.90 17.80 -8.13
N ASP D 261 9.57 18.15 -9.35
CA ASP D 261 10.53 18.29 -10.43
C ASP D 261 11.27 19.61 -10.19
N LYS D 262 12.60 19.56 -10.05
CA LYS D 262 13.35 20.76 -9.73
C LYS D 262 13.36 21.74 -10.89
N ASN D 263 13.09 21.27 -12.13
CA ASN D 263 13.06 22.14 -13.31
C ASN D 263 11.65 22.70 -13.48
N PRO D 264 11.43 24.02 -13.30
CA PRO D 264 10.06 24.54 -13.45
C PRO D 264 9.50 24.38 -14.85
N GLU D 265 10.33 24.27 -15.88
CA GLU D 265 9.80 24.15 -17.23
C GLU D 265 9.11 22.80 -17.42
N THR D 266 9.66 21.73 -16.85
CA THR D 266 9.03 20.43 -17.04
C THR D 266 8.11 20.05 -15.88
N ARG D 267 8.14 20.76 -14.78
CA ARG D 267 7.18 20.52 -13.72
C ARG D 267 5.77 20.70 -14.30
N PRO D 268 4.84 19.80 -14.06
CA PRO D 268 3.52 19.92 -14.69
C PRO D 268 2.63 20.96 -14.01
N SER D 269 1.65 21.42 -14.76
CA SER D 269 0.69 22.36 -14.22
C SER D 269 -0.32 21.63 -13.35
N ALA D 270 -1.18 22.40 -12.68
CA ALA D 270 -2.25 21.80 -11.91
C ALA D 270 -3.20 21.03 -12.82
N ALA D 271 -3.51 21.59 -13.99
CA ALA D 271 -4.42 20.89 -14.90
C ALA D 271 -3.83 19.57 -15.33
N GLN D 272 -2.53 19.51 -15.56
CA GLN D 272 -1.93 18.22 -15.92
C GLN D 272 -1.96 17.26 -14.75
N LEU D 273 -1.70 17.74 -13.54
CA LEU D 273 -1.68 16.85 -12.38
C LEU D 273 -3.07 16.33 -12.02
N LEU D 274 -4.12 17.06 -12.39
CA LEU D 274 -5.47 16.60 -12.15
C LEU D 274 -5.78 15.34 -12.92
N GLU D 275 -4.99 15.02 -13.96
CA GLU D 275 -5.14 13.74 -14.66
C GLU D 275 -4.42 12.59 -13.96
N HIS D 276 -3.58 12.85 -12.95
CA HIS D 276 -2.80 11.80 -12.35
C HIS D 276 -3.68 10.86 -11.51
N PRO D 277 -3.43 9.55 -11.55
CA PRO D 277 -4.29 8.60 -10.79
C PRO D 277 -4.25 8.80 -9.26
N PHE D 278 -3.28 9.53 -8.73
CA PHE D 278 -3.35 9.87 -7.31
C PHE D 278 -4.60 10.67 -6.97
N VAL D 279 -5.12 11.46 -7.92
CA VAL D 279 -6.28 12.31 -7.62
C VAL D 279 -7.43 12.20 -8.61
N SER D 280 -7.19 11.62 -9.77
CA SER D 280 -8.18 11.72 -10.85
C SER D 280 -9.49 10.99 -10.52
N SER D 281 -9.49 10.07 -9.55
CA SER D 281 -10.72 9.36 -9.22
C SER D 281 -11.34 9.83 -7.90
N ILE D 282 -10.77 10.86 -7.27
CA ILE D 282 -11.33 11.38 -6.03
C ILE D 282 -12.59 12.18 -6.35
N THR D 283 -13.74 11.67 -5.90
CA THR D 283 -15.02 12.34 -6.09
C THR D 283 -15.74 12.67 -4.79
N SER D 284 -15.26 12.23 -3.63
CA SER D 284 -15.92 12.44 -2.36
C SER D 284 -14.92 13.00 -1.36
N ASN D 285 -15.37 13.95 -0.53
CA ASN D 285 -14.55 14.52 0.52
C ASN D 285 -14.69 13.76 1.84
N LYS D 286 -15.30 12.56 1.80
CA LYS D 286 -15.63 11.82 3.01
C LYS D 286 -14.42 11.63 3.93
N ALA D 287 -13.26 11.27 3.37
CA ALA D 287 -12.08 11.06 4.23
C ALA D 287 -11.75 12.31 5.04
N LEU D 288 -11.93 13.49 4.43
CA LEU D 288 -11.65 14.73 5.15
C LEU D 288 -12.72 15.03 6.18
N ARG D 289 -13.99 14.79 5.82
CA ARG D 289 -15.09 14.98 6.75
C ARG D 289 -14.90 14.12 7.98
N GLU D 290 -14.42 12.89 7.81
CA GLU D 290 -14.12 12.03 8.94
C GLU D 290 -13.01 12.63 9.78
N LEU D 291 -11.99 13.20 9.13
CA LEU D 291 -10.87 13.75 9.89
C LEU D 291 -11.31 14.91 10.76
N VAL D 292 -12.12 15.83 10.21
CA VAL D 292 -12.58 16.98 10.99
C VAL D 292 -13.48 16.53 12.14
N ALA D 293 -14.35 15.55 11.89
CA ALA D 293 -15.21 15.06 12.97
C ALA D 293 -14.38 14.47 14.10
N GLU D 294 -13.26 13.81 13.76
CA GLU D 294 -12.40 13.25 14.77
C GLU D 294 -11.63 14.34 15.52
N ALA D 295 -11.20 15.39 14.80
CA ALA D 295 -10.52 16.48 15.46
C ALA D 295 -11.43 17.21 16.43
N LYS D 296 -12.73 17.27 16.14
CA LYS D 296 -13.67 17.85 17.09
C LYS D 296 -13.80 16.98 18.33
N ALA D 297 -13.66 15.67 18.18
CA ALA D 297 -13.71 14.72 19.30
C ALA D 297 -12.42 14.80 20.12
N R70 E . 20.42 -4.65 27.65
C R70 E . 16.41 -5.08 23.14
O R70 E . 17.03 -5.15 24.42
C1 R70 E . 16.62 -6.14 25.27
C10 R70 E . 19.67 -5.76 27.34
C11 R70 E . 16.13 -2.99 26.26
C12 R70 E . 15.25 -3.81 26.94
C13 R70 E . 13.92 -3.89 26.55
C14 R70 E . 13.45 -3.13 25.48
C15 R70 E . 14.34 -2.29 24.82
C16 R70 E . 15.66 -2.23 25.20
C17 R70 E . 12.04 -3.22 25.04
C18 R70 E . 11.28 -4.50 25.10
C19 R70 E . 11.94 -5.73 25.05
C2 R70 E . 15.62 -7.04 24.93
C20 R70 E . 11.23 -6.92 25.06
C21 R70 E . 9.85 -6.89 25.13
C22 R70 E . 9.19 -5.68 25.20
C23 R70 E . 9.90 -4.50 25.19
C3 R70 E . 15.24 -8.01 25.84
C4 R70 E . 15.85 -8.09 27.07
C5 R70 E . 16.85 -7.19 27.42
C6 R70 E . 17.25 -6.20 26.52
C7 R70 E . 18.33 -5.27 26.91
C8 R70 E . 18.35 -3.87 26.98
C9 R70 E . 19.71 -3.50 27.46
N1 R70 E . 17.49 -2.89 26.64
O1 R70 E . 20.07 -6.91 27.40
O2 R70 E . 20.13 -2.36 27.64
O3 R70 E . 11.48 -2.20 24.62
C1 EDO F . 11.44 -4.11 20.83
O1 EDO F . 11.62 -3.57 19.50
C2 EDO F . 12.80 -4.51 21.43
O2 EDO F . 13.67 -3.36 21.44
C1 EDO G . 10.18 -10.52 16.23
O1 EDO G . 10.84 -10.66 17.50
C2 EDO G . 8.70 -10.73 16.48
O2 EDO G . 8.55 -12.11 16.83
C1 EDO H . 27.56 -23.59 11.39
O1 EDO H . 28.21 -22.36 10.98
C2 EDO H . 28.56 -24.64 11.90
O2 EDO H . 27.93 -25.92 12.13
C1 EDO I . 34.48 -1.39 12.70
O1 EDO I . 33.98 -2.35 13.64
C2 EDO I . 33.39 -0.38 12.37
O2 EDO I . 32.91 0.15 13.62
N R70 J . 14.93 -7.25 -25.75
C R70 J . 11.47 -5.07 -30.19
O R70 J . 12.55 -5.29 -29.27
C1 R70 J . 13.60 -4.44 -29.33
C10 R70 J . 14.94 -5.94 -26.21
C11 R70 J . 14.23 -7.56 -30.49
C12 R70 J . 15.22 -6.74 -30.98
C13 R70 J . 15.17 -6.26 -32.27
C14 R70 J . 14.10 -6.59 -33.11
C15 R70 J . 13.10 -7.43 -32.62
C16 R70 J . 13.17 -7.92 -31.32
C17 R70 J . 13.98 -6.05 -34.49
C18 R70 J . 14.37 -4.65 -34.79
C19 R70 J . 14.92 -4.32 -36.03
C2 R70 J . 13.62 -3.30 -30.12
C20 R70 J . 15.27 -3.01 -36.32
C21 R70 J . 15.08 -2.01 -35.38
C22 R70 J . 14.54 -2.33 -34.14
C23 R70 J . 14.18 -3.63 -33.85
C3 R70 J . 14.72 -2.45 -30.08
C4 R70 J . 15.79 -2.74 -29.25
C5 R70 J . 15.78 -3.88 -28.47
C6 R70 J . 14.69 -4.75 -28.49
C7 R70 J . 14.71 -5.99 -27.66
C8 R70 J . 14.52 -7.34 -28.02
C9 R70 J . 14.69 -8.13 -26.78
N1 R70 J . 14.20 -8.01 -29.15
O1 R70 J . 15.09 -4.95 -25.51
O2 R70 J . 14.62 -9.36 -26.67
O3 R70 J . 13.56 -6.77 -35.38
CL CL K . -0.44 11.36 -16.40
N R70 L . -30.52 -14.10 14.61
C R70 L . -24.80 -16.03 14.39
O R70 L . -25.98 -15.23 14.39
C1 R70 L . -25.81 -13.88 14.44
C10 R70 L . -29.44 -13.39 14.11
C11 R70 L . -26.82 -15.40 17.35
C12 R70 L . -26.24 -14.15 17.55
C13 R70 L . -24.93 -14.05 17.99
C14 R70 L . -24.18 -15.20 18.25
C15 R70 L . -24.78 -16.44 18.06
C16 R70 L . -26.09 -16.54 17.62
C17 R70 L . -22.79 -15.13 18.77
C18 R70 L . -21.85 -14.06 18.35
C19 R70 L . -20.73 -13.77 19.13
C2 R70 L . -24.57 -13.26 14.27
C20 R70 L . -19.87 -12.73 18.78
C21 R70 L . -20.13 -11.97 17.64
C22 R70 L . -21.22 -12.26 16.85
C23 R70 L . -22.08 -13.31 17.19
C3 R70 L . -24.50 -11.88 14.29
C4 R70 L . -25.65 -11.12 14.47
C5 R70 L . -26.87 -11.74 14.65
C6 R70 L . -26.97 -13.13 14.66
C7 R70 L . -28.29 -13.77 14.91
C8 R70 L . -28.69 -14.71 15.86
C9 R70 L . -30.13 -14.89 15.66
N1 R70 L . -28.12 -15.49 16.82
O1 R70 L . -29.48 -12.63 13.17
O2 R70 L . -30.85 -15.64 16.31
O3 R70 L . -22.41 -16.00 19.55
C1 EDO M . -19.57 -17.20 15.53
O1 EDO M . -19.20 -18.24 16.46
C2 EDO M . -20.94 -16.56 15.86
O2 EDO M . -21.94 -17.53 16.19
N R70 N . -9.88 32.31 7.80
C R70 N . -4.21 30.16 7.81
O R70 N . -5.36 31.00 7.92
C1 R70 N . -5.15 32.34 7.92
C10 R70 N . -8.75 32.95 7.35
C11 R70 N . -6.35 30.90 10.79
C12 R70 N . -5.71 32.13 11.00
C13 R70 N . -4.43 32.17 11.52
C14 R70 N . -3.76 30.99 11.84
C15 R70 N . -4.41 29.77 11.65
C16 R70 N . -5.69 29.73 11.14
C17 R70 N . -2.38 30.97 12.41
C18 R70 N . -1.35 31.97 12.05
C19 R70 N . -0.35 32.31 12.98
C2 R70 N . -3.90 32.93 7.76
C20 R70 N . 0.52 33.35 12.73
C21 R70 N . 0.45 34.05 11.55
C22 R70 N . -0.49 33.71 10.60
C23 R70 N . -1.38 32.67 10.83
C3 R70 N . -3.79 34.31 7.72
C4 R70 N . -4.91 35.11 7.84
C5 R70 N . -6.16 34.53 8.01
C6 R70 N . -6.29 33.14 8.05
C7 R70 N . -7.64 32.54 8.23
C8 R70 N . -8.15 31.62 9.17
C9 R70 N . -9.59 31.49 8.87
N1 R70 N . -7.61 30.82 10.16
O1 R70 N . -8.69 33.70 6.37
O2 R70 N . -10.38 30.74 9.45
O3 R70 N . -2.10 30.08 13.20
C1 EDO O . 7.51 30.60 5.71
O1 EDO O . 7.90 31.75 4.95
C2 EDO O . 6.30 30.00 5.02
O2 EDO O . 5.22 30.93 5.10
C1 EDO P . 7.76 31.46 1.41
O1 EDO P . 8.19 30.70 0.27
C2 EDO P . 7.00 32.70 0.92
O2 EDO P . 7.63 33.88 1.50
C1 EDO Q . -0.40 29.45 9.72
O1 EDO Q . -1.53 28.57 9.95
C2 EDO Q . 0.83 29.03 10.56
O2 EDO Q . 1.34 27.77 10.10
#